data_1CCD
# 
_entry.id   1CCD 
# 
_audit_conform.dict_name       mmcif_pdbx.dic 
_audit_conform.dict_version    5.397 
_audit_conform.dict_location   http://mmcif.pdb.org/dictionaries/ascii/mmcif_pdbx.dic 
# 
loop_
_database_2.database_id 
_database_2.database_code 
_database_2.pdbx_database_accession 
_database_2.pdbx_DOI 
PDB   1CCD         pdb_00001ccd 10.2210/pdb1ccd/pdb 
WWPDB D_1000172225 ?            ?                   
# 
loop_
_pdbx_audit_revision_history.ordinal 
_pdbx_audit_revision_history.data_content_type 
_pdbx_audit_revision_history.major_revision 
_pdbx_audit_revision_history.minor_revision 
_pdbx_audit_revision_history.revision_date 
1 'Structure model' 1 0 1994-01-31 
2 'Structure model' 1 1 2008-03-24 
3 'Structure model' 1 2 2011-07-13 
4 'Structure model' 1 3 2017-11-29 
5 'Structure model' 1 4 2024-10-09 
# 
_pdbx_audit_revision_details.ordinal             1 
_pdbx_audit_revision_details.revision_ordinal    1 
_pdbx_audit_revision_details.data_content_type   'Structure model' 
_pdbx_audit_revision_details.provider            repository 
_pdbx_audit_revision_details.type                'Initial release' 
_pdbx_audit_revision_details.description         ? 
_pdbx_audit_revision_details.details             ? 
# 
loop_
_pdbx_audit_revision_group.ordinal 
_pdbx_audit_revision_group.revision_ordinal 
_pdbx_audit_revision_group.data_content_type 
_pdbx_audit_revision_group.group 
1 2 'Structure model' 'Version format compliance' 
2 3 'Structure model' 'Derived calculations'      
3 3 'Structure model' 'Version format compliance' 
4 4 'Structure model' 'Derived calculations'      
5 4 'Structure model' Other                       
6 5 'Structure model' 'Data collection'           
7 5 'Structure model' 'Database references'       
8 5 'Structure model' 'Derived calculations'      
9 5 'Structure model' 'Structure summary'         
# 
loop_
_pdbx_audit_revision_category.ordinal 
_pdbx_audit_revision_category.revision_ordinal 
_pdbx_audit_revision_category.data_content_type 
_pdbx_audit_revision_category.category 
1 4 'Structure model' pdbx_database_status      
2 4 'Structure model' struct_conf               
3 4 'Structure model' struct_conf_type          
4 5 'Structure model' chem_comp_atom            
5 5 'Structure model' chem_comp_bond            
6 5 'Structure model' database_2                
7 5 'Structure model' pdbx_entry_details        
8 5 'Structure model' pdbx_modification_feature 
9 5 'Structure model' struct_site               
# 
loop_
_pdbx_audit_revision_item.ordinal 
_pdbx_audit_revision_item.revision_ordinal 
_pdbx_audit_revision_item.data_content_type 
_pdbx_audit_revision_item.item 
1 4 'Structure model' '_pdbx_database_status.process_site'           
2 5 'Structure model' '_database_2.pdbx_DOI'                         
3 5 'Structure model' '_database_2.pdbx_database_accession'          
4 5 'Structure model' '_pdbx_entry_details.has_protein_modification' 
5 5 'Structure model' '_struct_site.pdbx_auth_asym_id'               
6 5 'Structure model' '_struct_site.pdbx_auth_comp_id'               
7 5 'Structure model' '_struct_site.pdbx_auth_seq_id'                
# 
_pdbx_database_status.status_code                     REL 
_pdbx_database_status.entry_id                        1CCD 
_pdbx_database_status.recvd_initial_deposition_date   1991-09-17 
_pdbx_database_status.deposit_site                    ? 
_pdbx_database_status.process_site                    BNL 
_pdbx_database_status.status_code_sf                  REL 
_pdbx_database_status.status_code_mr                  ? 
_pdbx_database_status.SG_entry                        ? 
_pdbx_database_status.pdb_format_compatible           Y 
_pdbx_database_status.status_code_cs                  ? 
_pdbx_database_status.methods_development_category    ? 
_pdbx_database_status.status_code_nmr_data            ? 
# 
loop_
_audit_author.name 
_audit_author.pdbx_ordinal 
'Umland, T.C.'    1 
'Swaminathan, S.' 2 
'Furey, W.'       3 
'Singh, G.'       4 
'Pletcher, J.'    5 
'Sax, M.'         6 
# 
loop_
_citation.id 
_citation.title 
_citation.journal_abbrev 
_citation.journal_volume 
_citation.page_first 
_citation.page_last 
_citation.year 
_citation.journal_id_ASTM 
_citation.country 
_citation.journal_id_ISSN 
_citation.journal_id_CSD 
_citation.book_publisher 
_citation.pdbx_database_id_PubMed 
_citation.pdbx_database_id_DOI 
primary 'Refined structure of rat Clara cell 17 kDa protein at 3.0 A resolution.'         J.Mol.Biol. 224 441 448 1992 JMOBAK UK 
0022-2836 0070 ? 1560460 '10.1016/0022-2836(92)91006-B' 
1       'Crystallization and Preliminary X-Ray Study of Rat Clara Cell 10,000 MR Protein' J.Mol.Biol. 211 17  ?   1990 JMOBAK UK 
0022-2836 0070 ? ?       ?                              
# 
loop_
_citation_author.citation_id 
_citation_author.name 
_citation_author.ordinal 
_citation_author.identifier_ORCID 
primary 'Umland, T.C.'    1  ? 
primary 'Swaminathan, S.' 2  ? 
primary 'Furey, W.'       3  ? 
primary 'Singh, G.'       4  ? 
primary 'Pletcher, J.'    5  ? 
primary 'Sax, M.'         6  ? 
1       'Swaminathan, S.' 7  ? 
1       'Furey, W.'       8  ? 
1       'Pletcher, J.'    9  ? 
1       'Katyal, S.'      10 ? 
1       'Singh, G.'       11 ? 
1       'Sax, M.'         12 ? 
# 
loop_
_entity.id 
_entity.type 
_entity.src_method 
_entity.pdbx_description 
_entity.formula_weight 
_entity.pdbx_number_of_molecules 
_entity.pdbx_ec 
_entity.pdbx_mutation 
_entity.pdbx_fragment 
_entity.details 
1 polymer     man 'CLARA CELL 17 kD PROTEIN' 8475.677 1 ? ? ? ? 
2 non-polymer syn 'SULFATE ION'              96.063   1 ? ? ? ? 
# 
_entity_poly.entity_id                      1 
_entity_poly.type                           'polypeptide(L)' 
_entity_poly.nstd_linkage                   no 
_entity_poly.nstd_monomer                   no 
_entity_poly.pdbx_seq_one_letter_code       SSDICPGFLQVLEALLLGSESNYEAALKPFNPASDLQNAGTQLKRLVDTLPQETRINIVKLTEKILTSPLCEQDLRV 
_entity_poly.pdbx_seq_one_letter_code_can   SSDICPGFLQVLEALLLGSESNYEAALKPFNPASDLQNAGTQLKRLVDTLPQETRINIVKLTEKILTSPLCEQDLRV 
_entity_poly.pdbx_strand_id                 A 
_entity_poly.pdbx_target_identifier         ? 
# 
_pdbx_entity_nonpoly.entity_id   2 
_pdbx_entity_nonpoly.name        'SULFATE ION' 
_pdbx_entity_nonpoly.comp_id     SO4 
# 
loop_
_entity_poly_seq.entity_id 
_entity_poly_seq.num 
_entity_poly_seq.mon_id 
_entity_poly_seq.hetero 
1 1  SER n 
1 2  SER n 
1 3  ASP n 
1 4  ILE n 
1 5  CYS n 
1 6  PRO n 
1 7  GLY n 
1 8  PHE n 
1 9  LEU n 
1 10 GLN n 
1 11 VAL n 
1 12 LEU n 
1 13 GLU n 
1 14 ALA n 
1 15 LEU n 
1 16 LEU n 
1 17 LEU n 
1 18 GLY n 
1 19 SER n 
1 20 GLU n 
1 21 SER n 
1 22 ASN n 
1 23 TYR n 
1 24 GLU n 
1 25 ALA n 
1 26 ALA n 
1 27 LEU n 
1 28 LYS n 
1 29 PRO n 
1 30 PHE n 
1 31 ASN n 
1 32 PRO n 
1 33 ALA n 
1 34 SER n 
1 35 ASP n 
1 36 LEU n 
1 37 GLN n 
1 38 ASN n 
1 39 ALA n 
1 40 GLY n 
1 41 THR n 
1 42 GLN n 
1 43 LEU n 
1 44 LYS n 
1 45 ARG n 
1 46 LEU n 
1 47 VAL n 
1 48 ASP n 
1 49 THR n 
1 50 LEU n 
1 51 PRO n 
1 52 GLN n 
1 53 GLU n 
1 54 THR n 
1 55 ARG n 
1 56 ILE n 
1 57 ASN n 
1 58 ILE n 
1 59 VAL n 
1 60 LYS n 
1 61 LEU n 
1 62 THR n 
1 63 GLU n 
1 64 LYS n 
1 65 ILE n 
1 66 LEU n 
1 67 THR n 
1 68 SER n 
1 69 PRO n 
1 70 LEU n 
1 71 CYS n 
1 72 GLU n 
1 73 GLN n 
1 74 ASP n 
1 75 LEU n 
1 76 ARG n 
1 77 VAL n 
# 
_entity_src_gen.entity_id                          1 
_entity_src_gen.pdbx_src_id                        1 
_entity_src_gen.pdbx_alt_source_flag               sample 
_entity_src_gen.pdbx_seq_type                      ? 
_entity_src_gen.pdbx_beg_seq_num                   ? 
_entity_src_gen.pdbx_end_seq_num                   ? 
_entity_src_gen.gene_src_common_name               'black rat' 
_entity_src_gen.gene_src_genus                     Rattus 
_entity_src_gen.pdbx_gene_src_gene                 ? 
_entity_src_gen.gene_src_species                   ? 
_entity_src_gen.gene_src_strain                    ? 
_entity_src_gen.gene_src_tissue                    ? 
_entity_src_gen.gene_src_tissue_fraction           ? 
_entity_src_gen.gene_src_details                   ? 
_entity_src_gen.pdbx_gene_src_fragment             ? 
_entity_src_gen.pdbx_gene_src_scientific_name      'Rattus rattus' 
_entity_src_gen.pdbx_gene_src_ncbi_taxonomy_id     10117 
_entity_src_gen.pdbx_gene_src_variant              ? 
_entity_src_gen.pdbx_gene_src_cell_line            ? 
_entity_src_gen.pdbx_gene_src_atcc                 ? 
_entity_src_gen.pdbx_gene_src_organ                ? 
_entity_src_gen.pdbx_gene_src_organelle            ? 
_entity_src_gen.pdbx_gene_src_cell                 ? 
_entity_src_gen.pdbx_gene_src_cellular_location    ? 
_entity_src_gen.host_org_common_name               ? 
_entity_src_gen.pdbx_host_org_scientific_name      ? 
_entity_src_gen.pdbx_host_org_ncbi_taxonomy_id     ? 
_entity_src_gen.host_org_genus                     ? 
_entity_src_gen.pdbx_host_org_gene                 ? 
_entity_src_gen.pdbx_host_org_organ                ? 
_entity_src_gen.host_org_species                   ? 
_entity_src_gen.pdbx_host_org_tissue               ? 
_entity_src_gen.pdbx_host_org_tissue_fraction      ? 
_entity_src_gen.pdbx_host_org_strain               ? 
_entity_src_gen.pdbx_host_org_variant              ? 
_entity_src_gen.pdbx_host_org_cell_line            ? 
_entity_src_gen.pdbx_host_org_atcc                 ? 
_entity_src_gen.pdbx_host_org_culture_collection   ? 
_entity_src_gen.pdbx_host_org_cell                 ? 
_entity_src_gen.pdbx_host_org_organelle            ? 
_entity_src_gen.pdbx_host_org_cellular_location    ? 
_entity_src_gen.pdbx_host_org_vector_type          ? 
_entity_src_gen.pdbx_host_org_vector               ? 
_entity_src_gen.host_org_details                   ? 
_entity_src_gen.expression_system_id               ? 
_entity_src_gen.plasmid_name                       ? 
_entity_src_gen.plasmid_details                    ? 
_entity_src_gen.pdbx_description                   ? 
# 
loop_
_chem_comp.id 
_chem_comp.type 
_chem_comp.mon_nstd_flag 
_chem_comp.name 
_chem_comp.pdbx_synonyms 
_chem_comp.formula 
_chem_comp.formula_weight 
ALA 'L-peptide linking' y ALANINE         ? 'C3 H7 N O2'     89.093  
ARG 'L-peptide linking' y ARGININE        ? 'C6 H15 N4 O2 1' 175.209 
ASN 'L-peptide linking' y ASPARAGINE      ? 'C4 H8 N2 O3'    132.118 
ASP 'L-peptide linking' y 'ASPARTIC ACID' ? 'C4 H7 N O4'     133.103 
CYS 'L-peptide linking' y CYSTEINE        ? 'C3 H7 N O2 S'   121.158 
GLN 'L-peptide linking' y GLUTAMINE       ? 'C5 H10 N2 O3'   146.144 
GLU 'L-peptide linking' y 'GLUTAMIC ACID' ? 'C5 H9 N O4'     147.129 
GLY 'peptide linking'   y GLYCINE         ? 'C2 H5 N O2'     75.067  
ILE 'L-peptide linking' y ISOLEUCINE      ? 'C6 H13 N O2'    131.173 
LEU 'L-peptide linking' y LEUCINE         ? 'C6 H13 N O2'    131.173 
LYS 'L-peptide linking' y LYSINE          ? 'C6 H15 N2 O2 1' 147.195 
PHE 'L-peptide linking' y PHENYLALANINE   ? 'C9 H11 N O2'    165.189 
PRO 'L-peptide linking' y PROLINE         ? 'C5 H9 N O2'     115.130 
SER 'L-peptide linking' y SERINE          ? 'C3 H7 N O3'     105.093 
SO4 non-polymer         . 'SULFATE ION'   ? 'O4 S -2'        96.063  
THR 'L-peptide linking' y THREONINE       ? 'C4 H9 N O3'     119.119 
TYR 'L-peptide linking' y TYROSINE        ? 'C9 H11 N O3'    181.189 
VAL 'L-peptide linking' y VALINE          ? 'C5 H11 N O2'    117.146 
# 
loop_
_pdbx_poly_seq_scheme.asym_id 
_pdbx_poly_seq_scheme.entity_id 
_pdbx_poly_seq_scheme.seq_id 
_pdbx_poly_seq_scheme.mon_id 
_pdbx_poly_seq_scheme.ndb_seq_num 
_pdbx_poly_seq_scheme.pdb_seq_num 
_pdbx_poly_seq_scheme.auth_seq_num 
_pdbx_poly_seq_scheme.pdb_mon_id 
_pdbx_poly_seq_scheme.auth_mon_id 
_pdbx_poly_seq_scheme.pdb_strand_id 
_pdbx_poly_seq_scheme.pdb_ins_code 
_pdbx_poly_seq_scheme.hetero 
A 1 1  SER 1  -2 -2 SER SER A . n 
A 1 2  SER 2  -1 -1 SER SER A . n 
A 1 3  ASP 3  1  1  ASP ASP A . n 
A 1 4  ILE 4  2  2  ILE ILE A . n 
A 1 5  CYS 5  3  3  CYS CYS A . n 
A 1 6  PRO 6  4  4  PRO PRO A . n 
A 1 7  GLY 7  5  5  GLY GLY A . n 
A 1 8  PHE 8  6  6  PHE PHE A . n 
A 1 9  LEU 9  7  7  LEU LEU A . n 
A 1 10 GLN 10 8  8  GLN GLN A . n 
A 1 11 VAL 11 9  9  VAL VAL A . n 
A 1 12 LEU 12 10 10 LEU LEU A . n 
A 1 13 GLU 13 11 11 GLU GLU A . n 
A 1 14 ALA 14 12 12 ALA ALA A . n 
A 1 15 LEU 15 13 13 LEU LEU A . n 
A 1 16 LEU 16 14 14 LEU LEU A . n 
A 1 17 LEU 17 15 15 LEU LEU A . n 
A 1 18 GLY 18 16 16 GLY GLY A . n 
A 1 19 SER 19 17 17 SER SER A . n 
A 1 20 GLU 20 18 18 GLU GLU A . n 
A 1 21 SER 21 19 19 SER SER A . n 
A 1 22 ASN 22 20 20 ASN ASN A . n 
A 1 23 TYR 23 21 21 TYR TYR A . n 
A 1 24 GLU 24 22 22 GLU GLU A . n 
A 1 25 ALA 25 23 23 ALA ALA A . n 
A 1 26 ALA 26 24 24 ALA ALA A . n 
A 1 27 LEU 27 25 25 LEU LEU A . n 
A 1 28 LYS 28 26 26 LYS LYS A . n 
A 1 29 PRO 29 27 27 PRO PRO A . n 
A 1 30 PHE 30 28 28 PHE PHE A . n 
A 1 31 ASN 31 29 29 ASN ASN A . n 
A 1 32 PRO 32 30 30 PRO PRO A . n 
A 1 33 ALA 33 31 31 ALA ALA A . n 
A 1 34 SER 34 32 32 SER SER A . n 
A 1 35 ASP 35 33 33 ASP ASP A . n 
A 1 36 LEU 36 34 34 LEU LEU A . n 
A 1 37 GLN 37 35 35 GLN GLN A . n 
A 1 38 ASN 38 36 36 ASN ASN A . n 
A 1 39 ALA 39 37 37 ALA ALA A . n 
A 1 40 GLY 40 38 38 GLY GLY A . n 
A 1 41 THR 41 39 39 THR THR A . n 
A 1 42 GLN 42 40 40 GLN GLN A . n 
A 1 43 LEU 43 41 41 LEU LEU A . n 
A 1 44 LYS 44 42 42 LYS LYS A . n 
A 1 45 ARG 45 43 43 ARG ARG A . n 
A 1 46 LEU 46 44 44 LEU LEU A . n 
A 1 47 VAL 47 45 45 VAL VAL A . n 
A 1 48 ASP 48 46 46 ASP ASP A . n 
A 1 49 THR 49 47 47 THR THR A . n 
A 1 50 LEU 50 48 48 LEU LEU A . n 
A 1 51 PRO 51 49 49 PRO PRO A . n 
A 1 52 GLN 52 50 50 GLN GLN A . n 
A 1 53 GLU 53 51 51 GLU GLU A . n 
A 1 54 THR 54 52 52 THR THR A . n 
A 1 55 ARG 55 53 53 ARG ARG A . n 
A 1 56 ILE 56 54 54 ILE ILE A . n 
A 1 57 ASN 57 55 55 ASN ASN A . n 
A 1 58 ILE 58 56 56 ILE ILE A . n 
A 1 59 VAL 59 57 57 VAL VAL A . n 
A 1 60 LYS 60 58 58 LYS LYS A . n 
A 1 61 LEU 61 59 59 LEU LEU A . n 
A 1 62 THR 62 60 60 THR THR A . n 
A 1 63 GLU 63 61 61 GLU GLU A . n 
A 1 64 LYS 64 62 62 LYS LYS A . n 
A 1 65 ILE 65 63 63 ILE ILE A . n 
A 1 66 LEU 66 64 64 LEU LEU A . n 
A 1 67 THR 67 65 65 THR THR A . n 
A 1 68 SER 68 66 66 SER SER A . n 
A 1 69 PRO 69 67 67 PRO PRO A . n 
A 1 70 LEU 70 68 68 LEU LEU A . n 
A 1 71 CYS 71 69 69 CYS CYS A . n 
A 1 72 GLU 72 70 70 GLU GLU A . n 
A 1 73 GLN 73 71 71 GLN GLN A . n 
A 1 74 ASP 74 72 72 ASP ASP A . n 
A 1 75 LEU 75 73 73 LEU LEU A . n 
A 1 76 ARG 76 74 74 ARG ARG A . n 
A 1 77 VAL 77 75 75 VAL VAL A . n 
# 
_pdbx_nonpoly_scheme.asym_id         B 
_pdbx_nonpoly_scheme.entity_id       2 
_pdbx_nonpoly_scheme.mon_id          SO4 
_pdbx_nonpoly_scheme.ndb_seq_num     1 
_pdbx_nonpoly_scheme.pdb_seq_num     76 
_pdbx_nonpoly_scheme.auth_seq_num    76 
_pdbx_nonpoly_scheme.pdb_mon_id      SO4 
_pdbx_nonpoly_scheme.auth_mon_id     SO4 
_pdbx_nonpoly_scheme.pdb_strand_id   A 
_pdbx_nonpoly_scheme.pdb_ins_code    . 
# 
loop_
_software.name 
_software.classification 
_software.version 
_software.citation_id 
_software.pdbx_ordinal 
X-PLOR 'model building' . ? 1 
GPRLSA refinement       . ? 2 
X-PLOR refinement       . ? 3 
X-PLOR phasing          . ? 4 
# 
_cell.entry_id           1CCD 
_cell.length_a           52.070 
_cell.length_b           52.070 
_cell.length_c           109.270 
_cell.angle_alpha        90.00 
_cell.angle_beta         90.00 
_cell.angle_gamma        120.00 
_cell.Z_PDB              12 
_cell.pdbx_unique_axis   ? 
# 
_symmetry.entry_id                         1CCD 
_symmetry.space_group_name_H-M             'P 65 2 2' 
_symmetry.pdbx_full_space_group_name_H-M   ? 
_symmetry.cell_setting                     ? 
_symmetry.Int_Tables_number                179 
# 
_exptl.entry_id          1CCD 
_exptl.method            'X-RAY DIFFRACTION' 
_exptl.crystals_number   ? 
# 
_exptl_crystal.id                    1 
_exptl_crystal.density_meas          ? 
_exptl_crystal.density_Matthews      2.52 
_exptl_crystal.density_percent_sol   51.21 
_exptl_crystal.description           ? 
# 
_diffrn.id                     1 
_diffrn.ambient_temp           ? 
_diffrn.ambient_temp_details   ? 
_diffrn.crystal_id             1 
# 
_diffrn_radiation.diffrn_id                        1 
_diffrn_radiation.wavelength_id                    1 
_diffrn_radiation.pdbx_monochromatic_or_laue_m_l   ? 
_diffrn_radiation.monochromator                    ? 
_diffrn_radiation.pdbx_diffrn_protocol             ? 
_diffrn_radiation.pdbx_scattering_type             x-ray 
# 
_diffrn_radiation_wavelength.id           1 
_diffrn_radiation_wavelength.wavelength   . 
_diffrn_radiation_wavelength.wt           1.0 
# 
_refine.entry_id                                 1CCD 
_refine.ls_number_reflns_obs                     ? 
_refine.ls_number_reflns_all                     ? 
_refine.pdbx_ls_sigma_I                          ? 
_refine.pdbx_ls_sigma_F                          ? 
_refine.pdbx_data_cutoff_high_absF               ? 
_refine.pdbx_data_cutoff_low_absF                ? 
_refine.pdbx_data_cutoff_high_rms_absF           ? 
_refine.ls_d_res_low                             ? 
_refine.ls_d_res_high                            3.0 
_refine.ls_percent_reflns_obs                    ? 
_refine.ls_R_factor_obs                          0.2250000 
_refine.ls_R_factor_all                          ? 
_refine.ls_R_factor_R_work                       ? 
_refine.ls_R_factor_R_free                       ? 
_refine.ls_R_factor_R_free_error                 ? 
_refine.ls_R_factor_R_free_error_details         ? 
_refine.ls_percent_reflns_R_free                 ? 
_refine.ls_number_reflns_R_free                  ? 
_refine.ls_number_parameters                     ? 
_refine.ls_number_restraints                     ? 
_refine.occupancy_min                            ? 
_refine.occupancy_max                            ? 
_refine.B_iso_mean                               ? 
_refine.aniso_B[1][1]                            ? 
_refine.aniso_B[2][2]                            ? 
_refine.aniso_B[3][3]                            ? 
_refine.aniso_B[1][2]                            ? 
_refine.aniso_B[1][3]                            ? 
_refine.aniso_B[2][3]                            ? 
_refine.solvent_model_details                    ? 
_refine.solvent_model_param_ksol                 ? 
_refine.solvent_model_param_bsol                 ? 
_refine.pdbx_ls_cross_valid_method               ? 
_refine.details                                  ? 
_refine.pdbx_starting_model                      ? 
_refine.pdbx_method_to_determine_struct          ? 
_refine.pdbx_isotropic_thermal_model             ? 
_refine.pdbx_stereochemistry_target_values       ? 
_refine.pdbx_stereochem_target_val_spec_case     ? 
_refine.pdbx_R_Free_selection_details            ? 
_refine.pdbx_overall_ESU_R                       ? 
_refine.pdbx_overall_ESU_R_Free                  ? 
_refine.overall_SU_ML                            ? 
_refine.overall_SU_B                             ? 
_refine.pdbx_refine_id                           'X-RAY DIFFRACTION' 
_refine.pdbx_diffrn_id                           1 
_refine.pdbx_TLS_residual_ADP_flag               ? 
_refine.correlation_coeff_Fo_to_Fc               ? 
_refine.correlation_coeff_Fo_to_Fc_free          ? 
_refine.pdbx_solvent_vdw_probe_radii             ? 
_refine.pdbx_solvent_ion_probe_radii             ? 
_refine.pdbx_solvent_shrinkage_radii             ? 
_refine.pdbx_overall_phase_error                 ? 
_refine.overall_SU_R_Cruickshank_DPI             ? 
_refine.pdbx_overall_SU_R_free_Cruickshank_DPI   ? 
_refine.pdbx_overall_SU_R_Blow_DPI               ? 
_refine.pdbx_overall_SU_R_free_Blow_DPI          ? 
# 
_refine_hist.pdbx_refine_id                   'X-RAY DIFFRACTION' 
_refine_hist.cycle_id                         LAST 
_refine_hist.pdbx_number_atoms_protein        594 
_refine_hist.pdbx_number_atoms_nucleic_acid   0 
_refine_hist.pdbx_number_atoms_ligand         5 
_refine_hist.number_atoms_solvent             0 
_refine_hist.number_atoms_total               599 
_refine_hist.d_res_high                       3.0 
_refine_hist.d_res_low                        . 
# 
loop_
_refine_ls_restr.type 
_refine_ls_restr.dev_ideal 
_refine_ls_restr.dev_ideal_target 
_refine_ls_restr.weight 
_refine_ls_restr.number 
_refine_ls_restr.pdbx_refine_id 
_refine_ls_restr.pdbx_restraint_function 
p_bond_d            0.016 0.020 ? ? 'X-RAY DIFFRACTION' ? 
p_angle_d           0.062 0.045 ? ? 'X-RAY DIFFRACTION' ? 
p_angle_deg         ?     ?     ? ? 'X-RAY DIFFRACTION' ? 
p_planar_d          0.040 0.035 ? ? 'X-RAY DIFFRACTION' ? 
p_hb_or_metal_coord ?     ?     ? ? 'X-RAY DIFFRACTION' ? 
p_mcbond_it         ?     ?     ? ? 'X-RAY DIFFRACTION' ? 
p_mcangle_it        ?     ?     ? ? 'X-RAY DIFFRACTION' ? 
p_scbond_it         ?     ?     ? ? 'X-RAY DIFFRACTION' ? 
p_scangle_it        ?     ?     ? ? 'X-RAY DIFFRACTION' ? 
p_plane_restr       0.009 0.020 ? ? 'X-RAY DIFFRACTION' ? 
p_chiral_restr      0.284 0.200 ? ? 'X-RAY DIFFRACTION' ? 
p_singtor_nbd       0.216 0.300 ? ? 'X-RAY DIFFRACTION' ? 
p_multtor_nbd       0.248 0.300 ? ? 'X-RAY DIFFRACTION' ? 
p_xhyhbond_nbd      0.174 0.300 ? ? 'X-RAY DIFFRACTION' ? 
p_xyhbond_nbd       ?     ?     ? ? 'X-RAY DIFFRACTION' ? 
p_planar_tor        2.6   5.0   ? ? 'X-RAY DIFFRACTION' ? 
p_staggered_tor     26.3  15.0  ? ? 'X-RAY DIFFRACTION' ? 
p_orthonormal_tor   32.2  15.0  ? ? 'X-RAY DIFFRACTION' ? 
p_transverse_tor    ?     ?     ? ? 'X-RAY DIFFRACTION' ? 
p_special_tor       ?     ?     ? ? 'X-RAY DIFFRACTION' ? 
# 
_struct.entry_id                  1CCD 
_struct.title                     'REFINED STRUCTURE OF RAT CLARA CELL 17 KDA PROTEIN AT 3.0 ANGSTROMS RESOLUTION' 
_struct.pdbx_model_details        ? 
_struct.pdbx_CASP_flag            ? 
_struct.pdbx_model_type_details   ? 
# 
_struct_keywords.entry_id        1CCD 
_struct_keywords.pdbx_keywords   'PHOSPHOLIPASE A2 INHIBITOR' 
_struct_keywords.text            'PHOSPHOLIPASE A2 INHIBITOR' 
# 
loop_
_struct_asym.id 
_struct_asym.pdbx_blank_PDB_chainid_flag 
_struct_asym.pdbx_modified 
_struct_asym.entity_id 
_struct_asym.details 
A N N 1 ? 
B N N 2 ? 
# 
_struct_ref.id                         1 
_struct_ref.db_name                    UNP 
_struct_ref.db_code                    UTER_RAT 
_struct_ref.entity_id                  1 
_struct_ref.pdbx_db_accession          P17559 
_struct_ref.pdbx_align_begin           1 
_struct_ref.pdbx_seq_one_letter_code   
;MKIAITITVLMLSICCSSASSDICPGFLQVLEALLLGSESNYEAALKPFNPASDLQNAGTQLKRLVDTLPQETRINIVKL
TEKILTSPLCEQDLRV
;
_struct_ref.pdbx_db_isoform            ? 
# 
_struct_ref_seq.align_id                      1 
_struct_ref_seq.ref_id                        1 
_struct_ref_seq.pdbx_PDB_id_code              1CCD 
_struct_ref_seq.pdbx_strand_id                A 
_struct_ref_seq.seq_align_beg                 1 
_struct_ref_seq.pdbx_seq_align_beg_ins_code   ? 
_struct_ref_seq.seq_align_end                 77 
_struct_ref_seq.pdbx_seq_align_end_ins_code   ? 
_struct_ref_seq.pdbx_db_accession             P17559 
_struct_ref_seq.db_align_beg                  20 
_struct_ref_seq.pdbx_db_align_beg_ins_code    ? 
_struct_ref_seq.db_align_end                  96 
_struct_ref_seq.pdbx_db_align_end_ins_code    ? 
_struct_ref_seq.pdbx_auth_seq_align_beg       -2 
_struct_ref_seq.pdbx_auth_seq_align_end       75 
# 
_pdbx_struct_assembly.id                   1 
_pdbx_struct_assembly.details              author_and_software_defined_assembly 
_pdbx_struct_assembly.method_details       PISA,PQS 
_pdbx_struct_assembly.oligomeric_details   dimeric 
_pdbx_struct_assembly.oligomeric_count     2 
# 
loop_
_pdbx_struct_assembly_prop.biol_id 
_pdbx_struct_assembly_prop.type 
_pdbx_struct_assembly_prop.value 
_pdbx_struct_assembly_prop.details 
1 'ABSA (A^2)' 3000 ? 
1 MORE         -35  ? 
1 'SSA (A^2)'  9220 ? 
# 
_pdbx_struct_assembly_gen.assembly_id       1 
_pdbx_struct_assembly_gen.oper_expression   1,2 
_pdbx_struct_assembly_gen.asym_id_list      A,B 
# 
loop_
_pdbx_struct_oper_list.id 
_pdbx_struct_oper_list.type 
_pdbx_struct_oper_list.name 
_pdbx_struct_oper_list.symmetry_operation 
_pdbx_struct_oper_list.matrix[1][1] 
_pdbx_struct_oper_list.matrix[1][2] 
_pdbx_struct_oper_list.matrix[1][3] 
_pdbx_struct_oper_list.vector[1] 
_pdbx_struct_oper_list.matrix[2][1] 
_pdbx_struct_oper_list.matrix[2][2] 
_pdbx_struct_oper_list.matrix[2][3] 
_pdbx_struct_oper_list.vector[2] 
_pdbx_struct_oper_list.matrix[3][1] 
_pdbx_struct_oper_list.matrix[3][2] 
_pdbx_struct_oper_list.matrix[3][3] 
_pdbx_struct_oper_list.vector[3] 
1 'identity operation'         1_555  x,y,z            1.0000000000 0.0000000000  0.0000000000  0.0000000000 0.0000000000  1.0000000000  0.0000000000 0.0000000000 0.0000000000  0.0000000000 1.0000000000  0.0000000000 
2 'crystal symmetry operation' 10_665 -y+1,-x+1,-z+1/6 0.5566839854 -0.6527781857 -0.5137933248 4.4536512407 -0.6527781857 -0.7262646987 0.2154535394 4.8768509105 -0.5137933248 0.2154535394 -0.8304192867 7.2975367567 
# 
_struct_biol.id   1 
# 
loop_
_struct_conf.conf_type_id 
_struct_conf.id 
_struct_conf.pdbx_PDB_helix_id 
_struct_conf.beg_label_comp_id 
_struct_conf.beg_label_asym_id 
_struct_conf.beg_label_seq_id 
_struct_conf.pdbx_beg_PDB_ins_code 
_struct_conf.end_label_comp_id 
_struct_conf.end_label_asym_id 
_struct_conf.end_label_seq_id 
_struct_conf.pdbx_end_PDB_ins_code 
_struct_conf.beg_auth_comp_id 
_struct_conf.beg_auth_asym_id 
_struct_conf.beg_auth_seq_id 
_struct_conf.end_auth_comp_id 
_struct_conf.end_auth_asym_id 
_struct_conf.end_auth_seq_id 
_struct_conf.pdbx_PDB_helix_class 
_struct_conf.details 
_struct_conf.pdbx_PDB_helix_length 
HELX_P HELX_P1 H1 PRO A 6  ? LEU A 16 ? PRO A 4  LEU A 14 1 ? 11 
HELX_P HELX_P2 H2 GLU A 20 ? LYS A 28 ? GLU A 18 LYS A 26 1 ? 9  
HELX_P HELX_P3 H3 SER A 34 ? THR A 49 ? SER A 32 THR A 47 1 ? 16 
HELX_P HELX_P4 H4 GLN A 52 ? LEU A 66 ? GLN A 50 LEU A 64 1 ? 15 
# 
_struct_conf_type.id          HELX_P 
_struct_conf_type.criteria    ? 
_struct_conf_type.reference   ? 
# 
_struct_conn.id                            disulf1 
_struct_conn.conn_type_id                  disulf 
_struct_conn.pdbx_leaving_atom_flag        ? 
_struct_conn.pdbx_PDB_id                   ? 
_struct_conn.ptnr1_label_asym_id           A 
_struct_conn.ptnr1_label_comp_id           CYS 
_struct_conn.ptnr1_label_seq_id            5 
_struct_conn.ptnr1_label_atom_id           SG 
_struct_conn.pdbx_ptnr1_label_alt_id       ? 
_struct_conn.pdbx_ptnr1_PDB_ins_code       ? 
_struct_conn.pdbx_ptnr1_standard_comp_id   ? 
_struct_conn.ptnr1_symmetry                1_555 
_struct_conn.ptnr2_label_asym_id           A 
_struct_conn.ptnr2_label_comp_id           CYS 
_struct_conn.ptnr2_label_seq_id            71 
_struct_conn.ptnr2_label_atom_id           SG 
_struct_conn.pdbx_ptnr2_label_alt_id       ? 
_struct_conn.pdbx_ptnr2_PDB_ins_code       ? 
_struct_conn.ptnr1_auth_asym_id            A 
_struct_conn.ptnr1_auth_comp_id            CYS 
_struct_conn.ptnr1_auth_seq_id             3 
_struct_conn.ptnr2_auth_asym_id            A 
_struct_conn.ptnr2_auth_comp_id            CYS 
_struct_conn.ptnr2_auth_seq_id             69 
_struct_conn.ptnr2_symmetry                10_665 
_struct_conn.pdbx_ptnr3_label_atom_id      ? 
_struct_conn.pdbx_ptnr3_label_seq_id       ? 
_struct_conn.pdbx_ptnr3_label_comp_id      ? 
_struct_conn.pdbx_ptnr3_label_asym_id      ? 
_struct_conn.pdbx_ptnr3_label_alt_id       ? 
_struct_conn.pdbx_ptnr3_PDB_ins_code       ? 
_struct_conn.details                       ? 
_struct_conn.pdbx_dist_value               2.040 
_struct_conn.pdbx_value_order              ? 
_struct_conn.pdbx_role                     ? 
# 
_struct_conn_type.id          disulf 
_struct_conn_type.criteria    ? 
_struct_conn_type.reference   ? 
# 
_pdbx_modification_feature.ordinal                            1 
_pdbx_modification_feature.label_comp_id                      CYS 
_pdbx_modification_feature.label_asym_id                      A 
_pdbx_modification_feature.label_seq_id                       5 
_pdbx_modification_feature.label_alt_id                       ? 
_pdbx_modification_feature.modified_residue_label_comp_id     CYS 
_pdbx_modification_feature.modified_residue_label_asym_id     A 
_pdbx_modification_feature.modified_residue_label_seq_id      71 
_pdbx_modification_feature.modified_residue_label_alt_id      ? 
_pdbx_modification_feature.auth_comp_id                       CYS 
_pdbx_modification_feature.auth_asym_id                       A 
_pdbx_modification_feature.auth_seq_id                        3 
_pdbx_modification_feature.PDB_ins_code                       ? 
_pdbx_modification_feature.symmetry                           1_555 
_pdbx_modification_feature.modified_residue_auth_comp_id      CYS 
_pdbx_modification_feature.modified_residue_auth_asym_id      A 
_pdbx_modification_feature.modified_residue_auth_seq_id       69 
_pdbx_modification_feature.modified_residue_PDB_ins_code      ? 
_pdbx_modification_feature.modified_residue_symmetry          10_665 
_pdbx_modification_feature.comp_id_linking_atom               SG 
_pdbx_modification_feature.modified_residue_id_linking_atom   SG 
_pdbx_modification_feature.modified_residue_id                . 
_pdbx_modification_feature.ref_pcm_id                         . 
_pdbx_modification_feature.ref_comp_id                        . 
_pdbx_modification_feature.type                               None 
_pdbx_modification_feature.category                           'Disulfide bridge' 
# 
_struct_site.id                   AC1 
_struct_site.pdbx_evidence_code   Software 
_struct_site.pdbx_auth_asym_id    A 
_struct_site.pdbx_auth_comp_id    SO4 
_struct_site.pdbx_auth_seq_id     76 
_struct_site.pdbx_auth_ins_code   ? 
_struct_site.pdbx_num_residues    4 
_struct_site.details              'BINDING SITE FOR RESIDUE SO4 A 76' 
# 
loop_
_struct_site_gen.id 
_struct_site_gen.site_id 
_struct_site_gen.pdbx_num_res 
_struct_site_gen.label_comp_id 
_struct_site_gen.label_asym_id 
_struct_site_gen.label_seq_id 
_struct_site_gen.pdbx_auth_ins_code 
_struct_site_gen.auth_comp_id 
_struct_site_gen.auth_asym_id 
_struct_site_gen.auth_seq_id 
_struct_site_gen.label_atom_id 
_struct_site_gen.label_alt_id 
_struct_site_gen.symmetry 
_struct_site_gen.details 
1 AC1 4 ASN A 31 ? ASN A 29 . ? 2_654 ? 
2 AC1 4 PRO A 32 ? PRO A 30 . ? 2_654 ? 
3 AC1 4 ALA A 33 ? ALA A 31 . ? 2_654 ? 
4 AC1 4 LYS A 64 ? LYS A 62 . ? 1_555 ? 
# 
_pdbx_entry_details.entry_id                   1CCD 
_pdbx_entry_details.compound_details           
;THE AMINO ACID SEQUENCE OF RAT CLARA CELL 17 KDA PROTEIN IS
55.7 PERCENT IDENTICAL TO THAT OF RABBIT UTEROGLOBIN.
PRIOR TO THE DETERMINATION OF THE SEQUENCE OF CLARA CELL 17
KDA PROTEIN, IT HAD BEEN REFERRED TO IN THE LITERATURE AS
CLARA CELL 10 KDA PROTEIN BASED ON ITS ESTIMATED MOLECULAR
WEIGHT.  THE AMINO ACID RESIDUES OF RAT CLARA CELL 17 KDA
PROTEIN HAVE BEEN NUMBERED SO AS TO EMPHASIZE ITS SEQUENCE
HOMOLOGY WITH RABBIT UTEROGLOBIN.
;
_pdbx_entry_details.source_details             ? 
_pdbx_entry_details.nonpolymer_details         ? 
_pdbx_entry_details.sequence_details           ? 
_pdbx_entry_details.has_ligand_of_interest     ? 
_pdbx_entry_details.has_protein_modification   Y 
# 
_pdbx_validate_symm_contact.id                1 
_pdbx_validate_symm_contact.PDB_model_num     1 
_pdbx_validate_symm_contact.auth_atom_id_1    NE 
_pdbx_validate_symm_contact.auth_asym_id_1    A 
_pdbx_validate_symm_contact.auth_comp_id_1    ARG 
_pdbx_validate_symm_contact.auth_seq_id_1     43 
_pdbx_validate_symm_contact.PDB_ins_code_1    ? 
_pdbx_validate_symm_contact.label_alt_id_1    ? 
_pdbx_validate_symm_contact.site_symmetry_1   1_555 
_pdbx_validate_symm_contact.auth_atom_id_2    O 
_pdbx_validate_symm_contact.auth_asym_id_2    A 
_pdbx_validate_symm_contact.auth_comp_id_2    LEU 
_pdbx_validate_symm_contact.auth_seq_id_2     68 
_pdbx_validate_symm_contact.PDB_ins_code_2    ? 
_pdbx_validate_symm_contact.label_alt_id_2    ? 
_pdbx_validate_symm_contact.site_symmetry_2   5_565 
_pdbx_validate_symm_contact.dist              1.82 
# 
loop_
_pdbx_validate_rmsd_angle.id 
_pdbx_validate_rmsd_angle.PDB_model_num 
_pdbx_validate_rmsd_angle.auth_atom_id_1 
_pdbx_validate_rmsd_angle.auth_asym_id_1 
_pdbx_validate_rmsd_angle.auth_comp_id_1 
_pdbx_validate_rmsd_angle.auth_seq_id_1 
_pdbx_validate_rmsd_angle.PDB_ins_code_1 
_pdbx_validate_rmsd_angle.label_alt_id_1 
_pdbx_validate_rmsd_angle.auth_atom_id_2 
_pdbx_validate_rmsd_angle.auth_asym_id_2 
_pdbx_validate_rmsd_angle.auth_comp_id_2 
_pdbx_validate_rmsd_angle.auth_seq_id_2 
_pdbx_validate_rmsd_angle.PDB_ins_code_2 
_pdbx_validate_rmsd_angle.label_alt_id_2 
_pdbx_validate_rmsd_angle.auth_atom_id_3 
_pdbx_validate_rmsd_angle.auth_asym_id_3 
_pdbx_validate_rmsd_angle.auth_comp_id_3 
_pdbx_validate_rmsd_angle.auth_seq_id_3 
_pdbx_validate_rmsd_angle.PDB_ins_code_3 
_pdbx_validate_rmsd_angle.label_alt_id_3 
_pdbx_validate_rmsd_angle.angle_value 
_pdbx_validate_rmsd_angle.angle_target_value 
_pdbx_validate_rmsd_angle.angle_deviation 
_pdbx_validate_rmsd_angle.angle_standard_deviation 
_pdbx_validate_rmsd_angle.linker_flag 
1  1 CA  A SER -1 ? ? CB A SER -1 ? ? OG  A SER -1 ? ? 130.53 111.20 19.33  2.70 N 
2  1 CA  A ASP 1  ? ? CB A ASP 1  ? ? CG  A ASP 1  ? ? 135.26 113.40 21.86  2.20 N 
3  1 CA  A LEU 13 ? ? C  A LEU 13 ? ? O   A LEU 13 ? ? 136.58 120.10 16.48  2.10 N 
4  1 CA  A GLU 22 ? ? CB A GLU 22 ? ? CG  A GLU 22 ? ? 133.10 113.40 19.70  2.20 N 
5  1 OE1 A GLU 22 ? ? CD A GLU 22 ? ? OE2 A GLU 22 ? ? 113.76 123.30 -9.54  1.20 N 
6  1 CG  A GLU 22 ? ? CD A GLU 22 ? ? OE1 A GLU 22 ? ? 131.60 118.30 13.30  2.00 N 
7  1 CA  A ASN 29 ? ? CB A ASN 29 ? ? CG  A ASN 29 ? ? 138.44 113.40 25.04  2.20 N 
8  1 CB  A ASP 33 ? ? CG A ASP 33 ? ? OD2 A ASP 33 ? ? 125.70 118.30 7.40   0.90 N 
9  1 CA  A LEU 34 ? ? CB A LEU 34 ? ? CG  A LEU 34 ? ? 133.04 115.30 17.74  2.30 N 
10 1 CA  A GLU 51 ? ? CB A GLU 51 ? ? CG  A GLU 51 ? ? 128.01 113.40 14.61  2.20 N 
11 1 N   A THR 52 ? ? CA A THR 52 ? ? CB  A THR 52 ? ? 122.53 110.30 12.23  1.90 N 
12 1 CD  A ARG 53 ? ? NE A ARG 53 ? ? CZ  A ARG 53 ? ? 134.14 123.60 10.54  1.40 N 
13 1 CB  A ILE 56 ? ? CA A ILE 56 ? ? C   A ILE 56 ? ? 124.82 111.60 13.22  2.00 N 
14 1 CA  A VAL 57 ? ? CB A VAL 57 ? ? CG1 A VAL 57 ? ? 120.58 110.90 9.68   1.50 N 
15 1 N   A LYS 58 ? ? CA A LYS 58 ? ? CB  A LYS 58 ? ? 123.92 110.60 13.32  1.80 N 
16 1 CA  A CYS 69 ? ? CB A CYS 69 ? ? SG  A CYS 69 ? ? 98.03  114.00 -15.97 1.80 N 
17 1 N   A ASP 72 ? ? CA A ASP 72 ? ? CB  A ASP 72 ? ? 98.47  110.60 -12.13 1.80 N 
18 1 CB  A ASP 72 ? ? CG A ASP 72 ? ? OD1 A ASP 72 ? ? 128.45 118.30 10.15  0.90 N 
19 1 CB  A ASP 72 ? ? CG A ASP 72 ? ? OD2 A ASP 72 ? ? 109.49 118.30 -8.81  0.90 N 
20 1 CG  A ARG 74 ? ? CD A ARG 74 ? ? NE  A ARG 74 ? ? 129.25 111.80 17.45  2.10 N 
21 1 NE  A ARG 74 ? ? CZ A ARG 74 ? ? NH2 A ARG 74 ? ? 124.93 120.30 4.63   0.50 N 
22 1 C   A ARG 74 ? ? N  A VAL 75 ? ? CA  A VAL 75 ? ? 138.02 121.70 16.32  2.50 Y 
23 1 N   A VAL 75 ? ? CA A VAL 75 ? ? CB  A VAL 75 ? ? 125.14 111.50 13.64  2.20 N 
24 1 CA  A VAL 75 ? ? CB A VAL 75 ? ? CG2 A VAL 75 ? ? 120.20 110.90 9.30   1.50 N 
# 
loop_
_pdbx_validate_torsion.id 
_pdbx_validate_torsion.PDB_model_num 
_pdbx_validate_torsion.auth_comp_id 
_pdbx_validate_torsion.auth_asym_id 
_pdbx_validate_torsion.auth_seq_id 
_pdbx_validate_torsion.PDB_ins_code 
_pdbx_validate_torsion.label_alt_id 
_pdbx_validate_torsion.phi 
_pdbx_validate_torsion.psi 
1 1 SER A -1 ? ? -63.47 20.42  
2 1 PRO A 4  ? ? -39.94 -36.56 
3 1 SER A 17 ? ? -33.09 158.10 
4 1 PRO A 27 ? ? -57.17 -7.01  
5 1 PRO A 67 ? ? -51.67 -1.98  
6 1 LEU A 73 ? ? -72.50 -79.53 
# 
_pdbx_validate_planes.id              1 
_pdbx_validate_planes.PDB_model_num   1 
_pdbx_validate_planes.auth_comp_id    ARG 
_pdbx_validate_planes.auth_asym_id    A 
_pdbx_validate_planes.auth_seq_id     43 
_pdbx_validate_planes.PDB_ins_code    ? 
_pdbx_validate_planes.label_alt_id    ? 
_pdbx_validate_planes.rmsd            0.078 
_pdbx_validate_planes.type            'SIDE CHAIN' 
# 
loop_
_chem_comp_atom.comp_id 
_chem_comp_atom.atom_id 
_chem_comp_atom.type_symbol 
_chem_comp_atom.pdbx_aromatic_flag 
_chem_comp_atom.pdbx_stereo_config 
_chem_comp_atom.pdbx_ordinal 
ALA N    N N N 1   
ALA CA   C N S 2   
ALA C    C N N 3   
ALA O    O N N 4   
ALA CB   C N N 5   
ALA OXT  O N N 6   
ALA H    H N N 7   
ALA H2   H N N 8   
ALA HA   H N N 9   
ALA HB1  H N N 10  
ALA HB2  H N N 11  
ALA HB3  H N N 12  
ALA HXT  H N N 13  
ARG N    N N N 14  
ARG CA   C N S 15  
ARG C    C N N 16  
ARG O    O N N 17  
ARG CB   C N N 18  
ARG CG   C N N 19  
ARG CD   C N N 20  
ARG NE   N N N 21  
ARG CZ   C N N 22  
ARG NH1  N N N 23  
ARG NH2  N N N 24  
ARG OXT  O N N 25  
ARG H    H N N 26  
ARG H2   H N N 27  
ARG HA   H N N 28  
ARG HB2  H N N 29  
ARG HB3  H N N 30  
ARG HG2  H N N 31  
ARG HG3  H N N 32  
ARG HD2  H N N 33  
ARG HD3  H N N 34  
ARG HE   H N N 35  
ARG HH11 H N N 36  
ARG HH12 H N N 37  
ARG HH21 H N N 38  
ARG HH22 H N N 39  
ARG HXT  H N N 40  
ASN N    N N N 41  
ASN CA   C N S 42  
ASN C    C N N 43  
ASN O    O N N 44  
ASN CB   C N N 45  
ASN CG   C N N 46  
ASN OD1  O N N 47  
ASN ND2  N N N 48  
ASN OXT  O N N 49  
ASN H    H N N 50  
ASN H2   H N N 51  
ASN HA   H N N 52  
ASN HB2  H N N 53  
ASN HB3  H N N 54  
ASN HD21 H N N 55  
ASN HD22 H N N 56  
ASN HXT  H N N 57  
ASP N    N N N 58  
ASP CA   C N S 59  
ASP C    C N N 60  
ASP O    O N N 61  
ASP CB   C N N 62  
ASP CG   C N N 63  
ASP OD1  O N N 64  
ASP OD2  O N N 65  
ASP OXT  O N N 66  
ASP H    H N N 67  
ASP H2   H N N 68  
ASP HA   H N N 69  
ASP HB2  H N N 70  
ASP HB3  H N N 71  
ASP HD2  H N N 72  
ASP HXT  H N N 73  
CYS N    N N N 74  
CYS CA   C N R 75  
CYS C    C N N 76  
CYS O    O N N 77  
CYS CB   C N N 78  
CYS SG   S N N 79  
CYS OXT  O N N 80  
CYS H    H N N 81  
CYS H2   H N N 82  
CYS HA   H N N 83  
CYS HB2  H N N 84  
CYS HB3  H N N 85  
CYS HG   H N N 86  
CYS HXT  H N N 87  
GLN N    N N N 88  
GLN CA   C N S 89  
GLN C    C N N 90  
GLN O    O N N 91  
GLN CB   C N N 92  
GLN CG   C N N 93  
GLN CD   C N N 94  
GLN OE1  O N N 95  
GLN NE2  N N N 96  
GLN OXT  O N N 97  
GLN H    H N N 98  
GLN H2   H N N 99  
GLN HA   H N N 100 
GLN HB2  H N N 101 
GLN HB3  H N N 102 
GLN HG2  H N N 103 
GLN HG3  H N N 104 
GLN HE21 H N N 105 
GLN HE22 H N N 106 
GLN HXT  H N N 107 
GLU N    N N N 108 
GLU CA   C N S 109 
GLU C    C N N 110 
GLU O    O N N 111 
GLU CB   C N N 112 
GLU CG   C N N 113 
GLU CD   C N N 114 
GLU OE1  O N N 115 
GLU OE2  O N N 116 
GLU OXT  O N N 117 
GLU H    H N N 118 
GLU H2   H N N 119 
GLU HA   H N N 120 
GLU HB2  H N N 121 
GLU HB3  H N N 122 
GLU HG2  H N N 123 
GLU HG3  H N N 124 
GLU HE2  H N N 125 
GLU HXT  H N N 126 
GLY N    N N N 127 
GLY CA   C N N 128 
GLY C    C N N 129 
GLY O    O N N 130 
GLY OXT  O N N 131 
GLY H    H N N 132 
GLY H2   H N N 133 
GLY HA2  H N N 134 
GLY HA3  H N N 135 
GLY HXT  H N N 136 
ILE N    N N N 137 
ILE CA   C N S 138 
ILE C    C N N 139 
ILE O    O N N 140 
ILE CB   C N S 141 
ILE CG1  C N N 142 
ILE CG2  C N N 143 
ILE CD1  C N N 144 
ILE OXT  O N N 145 
ILE H    H N N 146 
ILE H2   H N N 147 
ILE HA   H N N 148 
ILE HB   H N N 149 
ILE HG12 H N N 150 
ILE HG13 H N N 151 
ILE HG21 H N N 152 
ILE HG22 H N N 153 
ILE HG23 H N N 154 
ILE HD11 H N N 155 
ILE HD12 H N N 156 
ILE HD13 H N N 157 
ILE HXT  H N N 158 
LEU N    N N N 159 
LEU CA   C N S 160 
LEU C    C N N 161 
LEU O    O N N 162 
LEU CB   C N N 163 
LEU CG   C N N 164 
LEU CD1  C N N 165 
LEU CD2  C N N 166 
LEU OXT  O N N 167 
LEU H    H N N 168 
LEU H2   H N N 169 
LEU HA   H N N 170 
LEU HB2  H N N 171 
LEU HB3  H N N 172 
LEU HG   H N N 173 
LEU HD11 H N N 174 
LEU HD12 H N N 175 
LEU HD13 H N N 176 
LEU HD21 H N N 177 
LEU HD22 H N N 178 
LEU HD23 H N N 179 
LEU HXT  H N N 180 
LYS N    N N N 181 
LYS CA   C N S 182 
LYS C    C N N 183 
LYS O    O N N 184 
LYS CB   C N N 185 
LYS CG   C N N 186 
LYS CD   C N N 187 
LYS CE   C N N 188 
LYS NZ   N N N 189 
LYS OXT  O N N 190 
LYS H    H N N 191 
LYS H2   H N N 192 
LYS HA   H N N 193 
LYS HB2  H N N 194 
LYS HB3  H N N 195 
LYS HG2  H N N 196 
LYS HG3  H N N 197 
LYS HD2  H N N 198 
LYS HD3  H N N 199 
LYS HE2  H N N 200 
LYS HE3  H N N 201 
LYS HZ1  H N N 202 
LYS HZ2  H N N 203 
LYS HZ3  H N N 204 
LYS HXT  H N N 205 
PHE N    N N N 206 
PHE CA   C N S 207 
PHE C    C N N 208 
PHE O    O N N 209 
PHE CB   C N N 210 
PHE CG   C Y N 211 
PHE CD1  C Y N 212 
PHE CD2  C Y N 213 
PHE CE1  C Y N 214 
PHE CE2  C Y N 215 
PHE CZ   C Y N 216 
PHE OXT  O N N 217 
PHE H    H N N 218 
PHE H2   H N N 219 
PHE HA   H N N 220 
PHE HB2  H N N 221 
PHE HB3  H N N 222 
PHE HD1  H N N 223 
PHE HD2  H N N 224 
PHE HE1  H N N 225 
PHE HE2  H N N 226 
PHE HZ   H N N 227 
PHE HXT  H N N 228 
PRO N    N N N 229 
PRO CA   C N S 230 
PRO C    C N N 231 
PRO O    O N N 232 
PRO CB   C N N 233 
PRO CG   C N N 234 
PRO CD   C N N 235 
PRO OXT  O N N 236 
PRO H    H N N 237 
PRO HA   H N N 238 
PRO HB2  H N N 239 
PRO HB3  H N N 240 
PRO HG2  H N N 241 
PRO HG3  H N N 242 
PRO HD2  H N N 243 
PRO HD3  H N N 244 
PRO HXT  H N N 245 
SER N    N N N 246 
SER CA   C N S 247 
SER C    C N N 248 
SER O    O N N 249 
SER CB   C N N 250 
SER OG   O N N 251 
SER OXT  O N N 252 
SER H    H N N 253 
SER H2   H N N 254 
SER HA   H N N 255 
SER HB2  H N N 256 
SER HB3  H N N 257 
SER HG   H N N 258 
SER HXT  H N N 259 
SO4 S    S N N 260 
SO4 O1   O N N 261 
SO4 O2   O N N 262 
SO4 O3   O N N 263 
SO4 O4   O N N 264 
THR N    N N N 265 
THR CA   C N S 266 
THR C    C N N 267 
THR O    O N N 268 
THR CB   C N R 269 
THR OG1  O N N 270 
THR CG2  C N N 271 
THR OXT  O N N 272 
THR H    H N N 273 
THR H2   H N N 274 
THR HA   H N N 275 
THR HB   H N N 276 
THR HG1  H N N 277 
THR HG21 H N N 278 
THR HG22 H N N 279 
THR HG23 H N N 280 
THR HXT  H N N 281 
TYR N    N N N 282 
TYR CA   C N S 283 
TYR C    C N N 284 
TYR O    O N N 285 
TYR CB   C N N 286 
TYR CG   C Y N 287 
TYR CD1  C Y N 288 
TYR CD2  C Y N 289 
TYR CE1  C Y N 290 
TYR CE2  C Y N 291 
TYR CZ   C Y N 292 
TYR OH   O N N 293 
TYR OXT  O N N 294 
TYR H    H N N 295 
TYR H2   H N N 296 
TYR HA   H N N 297 
TYR HB2  H N N 298 
TYR HB3  H N N 299 
TYR HD1  H N N 300 
TYR HD2  H N N 301 
TYR HE1  H N N 302 
TYR HE2  H N N 303 
TYR HH   H N N 304 
TYR HXT  H N N 305 
VAL N    N N N 306 
VAL CA   C N S 307 
VAL C    C N N 308 
VAL O    O N N 309 
VAL CB   C N N 310 
VAL CG1  C N N 311 
VAL CG2  C N N 312 
VAL OXT  O N N 313 
VAL H    H N N 314 
VAL H2   H N N 315 
VAL HA   H N N 316 
VAL HB   H N N 317 
VAL HG11 H N N 318 
VAL HG12 H N N 319 
VAL HG13 H N N 320 
VAL HG21 H N N 321 
VAL HG22 H N N 322 
VAL HG23 H N N 323 
VAL HXT  H N N 324 
# 
loop_
_chem_comp_bond.comp_id 
_chem_comp_bond.atom_id_1 
_chem_comp_bond.atom_id_2 
_chem_comp_bond.value_order 
_chem_comp_bond.pdbx_aromatic_flag 
_chem_comp_bond.pdbx_stereo_config 
_chem_comp_bond.pdbx_ordinal 
ALA N   CA   sing N N 1   
ALA N   H    sing N N 2   
ALA N   H2   sing N N 3   
ALA CA  C    sing N N 4   
ALA CA  CB   sing N N 5   
ALA CA  HA   sing N N 6   
ALA C   O    doub N N 7   
ALA C   OXT  sing N N 8   
ALA CB  HB1  sing N N 9   
ALA CB  HB2  sing N N 10  
ALA CB  HB3  sing N N 11  
ALA OXT HXT  sing N N 12  
ARG N   CA   sing N N 13  
ARG N   H    sing N N 14  
ARG N   H2   sing N N 15  
ARG CA  C    sing N N 16  
ARG CA  CB   sing N N 17  
ARG CA  HA   sing N N 18  
ARG C   O    doub N N 19  
ARG C   OXT  sing N N 20  
ARG CB  CG   sing N N 21  
ARG CB  HB2  sing N N 22  
ARG CB  HB3  sing N N 23  
ARG CG  CD   sing N N 24  
ARG CG  HG2  sing N N 25  
ARG CG  HG3  sing N N 26  
ARG CD  NE   sing N N 27  
ARG CD  HD2  sing N N 28  
ARG CD  HD3  sing N N 29  
ARG NE  CZ   sing N N 30  
ARG NE  HE   sing N N 31  
ARG CZ  NH1  sing N N 32  
ARG CZ  NH2  doub N N 33  
ARG NH1 HH11 sing N N 34  
ARG NH1 HH12 sing N N 35  
ARG NH2 HH21 sing N N 36  
ARG NH2 HH22 sing N N 37  
ARG OXT HXT  sing N N 38  
ASN N   CA   sing N N 39  
ASN N   H    sing N N 40  
ASN N   H2   sing N N 41  
ASN CA  C    sing N N 42  
ASN CA  CB   sing N N 43  
ASN CA  HA   sing N N 44  
ASN C   O    doub N N 45  
ASN C   OXT  sing N N 46  
ASN CB  CG   sing N N 47  
ASN CB  HB2  sing N N 48  
ASN CB  HB3  sing N N 49  
ASN CG  OD1  doub N N 50  
ASN CG  ND2  sing N N 51  
ASN ND2 HD21 sing N N 52  
ASN ND2 HD22 sing N N 53  
ASN OXT HXT  sing N N 54  
ASP N   CA   sing N N 55  
ASP N   H    sing N N 56  
ASP N   H2   sing N N 57  
ASP CA  C    sing N N 58  
ASP CA  CB   sing N N 59  
ASP CA  HA   sing N N 60  
ASP C   O    doub N N 61  
ASP C   OXT  sing N N 62  
ASP CB  CG   sing N N 63  
ASP CB  HB2  sing N N 64  
ASP CB  HB3  sing N N 65  
ASP CG  OD1  doub N N 66  
ASP CG  OD2  sing N N 67  
ASP OD2 HD2  sing N N 68  
ASP OXT HXT  sing N N 69  
CYS N   CA   sing N N 70  
CYS N   H    sing N N 71  
CYS N   H2   sing N N 72  
CYS CA  C    sing N N 73  
CYS CA  CB   sing N N 74  
CYS CA  HA   sing N N 75  
CYS C   O    doub N N 76  
CYS C   OXT  sing N N 77  
CYS CB  SG   sing N N 78  
CYS CB  HB2  sing N N 79  
CYS CB  HB3  sing N N 80  
CYS SG  HG   sing N N 81  
CYS OXT HXT  sing N N 82  
GLN N   CA   sing N N 83  
GLN N   H    sing N N 84  
GLN N   H2   sing N N 85  
GLN CA  C    sing N N 86  
GLN CA  CB   sing N N 87  
GLN CA  HA   sing N N 88  
GLN C   O    doub N N 89  
GLN C   OXT  sing N N 90  
GLN CB  CG   sing N N 91  
GLN CB  HB2  sing N N 92  
GLN CB  HB3  sing N N 93  
GLN CG  CD   sing N N 94  
GLN CG  HG2  sing N N 95  
GLN CG  HG3  sing N N 96  
GLN CD  OE1  doub N N 97  
GLN CD  NE2  sing N N 98  
GLN NE2 HE21 sing N N 99  
GLN NE2 HE22 sing N N 100 
GLN OXT HXT  sing N N 101 
GLU N   CA   sing N N 102 
GLU N   H    sing N N 103 
GLU N   H2   sing N N 104 
GLU CA  C    sing N N 105 
GLU CA  CB   sing N N 106 
GLU CA  HA   sing N N 107 
GLU C   O    doub N N 108 
GLU C   OXT  sing N N 109 
GLU CB  CG   sing N N 110 
GLU CB  HB2  sing N N 111 
GLU CB  HB3  sing N N 112 
GLU CG  CD   sing N N 113 
GLU CG  HG2  sing N N 114 
GLU CG  HG3  sing N N 115 
GLU CD  OE1  doub N N 116 
GLU CD  OE2  sing N N 117 
GLU OE2 HE2  sing N N 118 
GLU OXT HXT  sing N N 119 
GLY N   CA   sing N N 120 
GLY N   H    sing N N 121 
GLY N   H2   sing N N 122 
GLY CA  C    sing N N 123 
GLY CA  HA2  sing N N 124 
GLY CA  HA3  sing N N 125 
GLY C   O    doub N N 126 
GLY C   OXT  sing N N 127 
GLY OXT HXT  sing N N 128 
ILE N   CA   sing N N 129 
ILE N   H    sing N N 130 
ILE N   H2   sing N N 131 
ILE CA  C    sing N N 132 
ILE CA  CB   sing N N 133 
ILE CA  HA   sing N N 134 
ILE C   O    doub N N 135 
ILE C   OXT  sing N N 136 
ILE CB  CG1  sing N N 137 
ILE CB  CG2  sing N N 138 
ILE CB  HB   sing N N 139 
ILE CG1 CD1  sing N N 140 
ILE CG1 HG12 sing N N 141 
ILE CG1 HG13 sing N N 142 
ILE CG2 HG21 sing N N 143 
ILE CG2 HG22 sing N N 144 
ILE CG2 HG23 sing N N 145 
ILE CD1 HD11 sing N N 146 
ILE CD1 HD12 sing N N 147 
ILE CD1 HD13 sing N N 148 
ILE OXT HXT  sing N N 149 
LEU N   CA   sing N N 150 
LEU N   H    sing N N 151 
LEU N   H2   sing N N 152 
LEU CA  C    sing N N 153 
LEU CA  CB   sing N N 154 
LEU CA  HA   sing N N 155 
LEU C   O    doub N N 156 
LEU C   OXT  sing N N 157 
LEU CB  CG   sing N N 158 
LEU CB  HB2  sing N N 159 
LEU CB  HB3  sing N N 160 
LEU CG  CD1  sing N N 161 
LEU CG  CD2  sing N N 162 
LEU CG  HG   sing N N 163 
LEU CD1 HD11 sing N N 164 
LEU CD1 HD12 sing N N 165 
LEU CD1 HD13 sing N N 166 
LEU CD2 HD21 sing N N 167 
LEU CD2 HD22 sing N N 168 
LEU CD2 HD23 sing N N 169 
LEU OXT HXT  sing N N 170 
LYS N   CA   sing N N 171 
LYS N   H    sing N N 172 
LYS N   H2   sing N N 173 
LYS CA  C    sing N N 174 
LYS CA  CB   sing N N 175 
LYS CA  HA   sing N N 176 
LYS C   O    doub N N 177 
LYS C   OXT  sing N N 178 
LYS CB  CG   sing N N 179 
LYS CB  HB2  sing N N 180 
LYS CB  HB3  sing N N 181 
LYS CG  CD   sing N N 182 
LYS CG  HG2  sing N N 183 
LYS CG  HG3  sing N N 184 
LYS CD  CE   sing N N 185 
LYS CD  HD2  sing N N 186 
LYS CD  HD3  sing N N 187 
LYS CE  NZ   sing N N 188 
LYS CE  HE2  sing N N 189 
LYS CE  HE3  sing N N 190 
LYS NZ  HZ1  sing N N 191 
LYS NZ  HZ2  sing N N 192 
LYS NZ  HZ3  sing N N 193 
LYS OXT HXT  sing N N 194 
PHE N   CA   sing N N 195 
PHE N   H    sing N N 196 
PHE N   H2   sing N N 197 
PHE CA  C    sing N N 198 
PHE CA  CB   sing N N 199 
PHE CA  HA   sing N N 200 
PHE C   O    doub N N 201 
PHE C   OXT  sing N N 202 
PHE CB  CG   sing N N 203 
PHE CB  HB2  sing N N 204 
PHE CB  HB3  sing N N 205 
PHE CG  CD1  doub Y N 206 
PHE CG  CD2  sing Y N 207 
PHE CD1 CE1  sing Y N 208 
PHE CD1 HD1  sing N N 209 
PHE CD2 CE2  doub Y N 210 
PHE CD2 HD2  sing N N 211 
PHE CE1 CZ   doub Y N 212 
PHE CE1 HE1  sing N N 213 
PHE CE2 CZ   sing Y N 214 
PHE CE2 HE2  sing N N 215 
PHE CZ  HZ   sing N N 216 
PHE OXT HXT  sing N N 217 
PRO N   CA   sing N N 218 
PRO N   CD   sing N N 219 
PRO N   H    sing N N 220 
PRO CA  C    sing N N 221 
PRO CA  CB   sing N N 222 
PRO CA  HA   sing N N 223 
PRO C   O    doub N N 224 
PRO C   OXT  sing N N 225 
PRO CB  CG   sing N N 226 
PRO CB  HB2  sing N N 227 
PRO CB  HB3  sing N N 228 
PRO CG  CD   sing N N 229 
PRO CG  HG2  sing N N 230 
PRO CG  HG3  sing N N 231 
PRO CD  HD2  sing N N 232 
PRO CD  HD3  sing N N 233 
PRO OXT HXT  sing N N 234 
SER N   CA   sing N N 235 
SER N   H    sing N N 236 
SER N   H2   sing N N 237 
SER CA  C    sing N N 238 
SER CA  CB   sing N N 239 
SER CA  HA   sing N N 240 
SER C   O    doub N N 241 
SER C   OXT  sing N N 242 
SER CB  OG   sing N N 243 
SER CB  HB2  sing N N 244 
SER CB  HB3  sing N N 245 
SER OG  HG   sing N N 246 
SER OXT HXT  sing N N 247 
SO4 S   O1   doub N N 248 
SO4 S   O2   doub N N 249 
SO4 S   O3   sing N N 250 
SO4 S   O4   sing N N 251 
THR N   CA   sing N N 252 
THR N   H    sing N N 253 
THR N   H2   sing N N 254 
THR CA  C    sing N N 255 
THR CA  CB   sing N N 256 
THR CA  HA   sing N N 257 
THR C   O    doub N N 258 
THR C   OXT  sing N N 259 
THR CB  OG1  sing N N 260 
THR CB  CG2  sing N N 261 
THR CB  HB   sing N N 262 
THR OG1 HG1  sing N N 263 
THR CG2 HG21 sing N N 264 
THR CG2 HG22 sing N N 265 
THR CG2 HG23 sing N N 266 
THR OXT HXT  sing N N 267 
TYR N   CA   sing N N 268 
TYR N   H    sing N N 269 
TYR N   H2   sing N N 270 
TYR CA  C    sing N N 271 
TYR CA  CB   sing N N 272 
TYR CA  HA   sing N N 273 
TYR C   O    doub N N 274 
TYR C   OXT  sing N N 275 
TYR CB  CG   sing N N 276 
TYR CB  HB2  sing N N 277 
TYR CB  HB3  sing N N 278 
TYR CG  CD1  doub Y N 279 
TYR CG  CD2  sing Y N 280 
TYR CD1 CE1  sing Y N 281 
TYR CD1 HD1  sing N N 282 
TYR CD2 CE2  doub Y N 283 
TYR CD2 HD2  sing N N 284 
TYR CE1 CZ   doub Y N 285 
TYR CE1 HE1  sing N N 286 
TYR CE2 CZ   sing Y N 287 
TYR CE2 HE2  sing N N 288 
TYR CZ  OH   sing N N 289 
TYR OH  HH   sing N N 290 
TYR OXT HXT  sing N N 291 
VAL N   CA   sing N N 292 
VAL N   H    sing N N 293 
VAL N   H2   sing N N 294 
VAL CA  C    sing N N 295 
VAL CA  CB   sing N N 296 
VAL CA  HA   sing N N 297 
VAL C   O    doub N N 298 
VAL C   OXT  sing N N 299 
VAL CB  CG1  sing N N 300 
VAL CB  CG2  sing N N 301 
VAL CB  HB   sing N N 302 
VAL CG1 HG11 sing N N 303 
VAL CG1 HG12 sing N N 304 
VAL CG1 HG13 sing N N 305 
VAL CG2 HG21 sing N N 306 
VAL CG2 HG22 sing N N 307 
VAL CG2 HG23 sing N N 308 
VAL OXT HXT  sing N N 309 
# 
_atom_sites.entry_id                    1CCD 
_atom_sites.fract_transf_matrix[1][1]   -0.00091934 
_atom_sites.fract_transf_matrix[1][2]   0.01950378 
_atom_sites.fract_transf_matrix[1][3]   0.01051347 
_atom_sites.fract_transf_matrix[2][1]   0.01864516 
_atom_sites.fract_transf_matrix[2][2]   0.01129962 
_atom_sites.fract_transf_matrix[2][3]   0.00405608 
_atom_sites.fract_transf_matrix[3][1]   -0.00085289 
_atom_sites.fract_transf_matrix[3][2]   0.00429254 
_atom_sites.fract_transf_matrix[3][3]   -0.00803777 
_atom_sites.fract_transf_vector[1]      0.514346 
_atom_sites.fract_transf_vector[2]      0.317913 
_atom_sites.fract_transf_vector[3]      0.104097 
# 
loop_
_atom_type.symbol 
C 
N 
O 
S 
# 
loop_
_atom_site.group_PDB 
_atom_site.id 
_atom_site.type_symbol 
_atom_site.label_atom_id 
_atom_site.label_alt_id 
_atom_site.label_comp_id 
_atom_site.label_asym_id 
_atom_site.label_entity_id 
_atom_site.label_seq_id 
_atom_site.pdbx_PDB_ins_code 
_atom_site.Cartn_x 
_atom_site.Cartn_y 
_atom_site.Cartn_z 
_atom_site.occupancy 
_atom_site.B_iso_or_equiv 
_atom_site.pdbx_formal_charge 
_atom_site.auth_seq_id 
_atom_site.auth_comp_id 
_atom_site.auth_asym_id 
_atom_site.auth_atom_id 
_atom_site.pdbx_PDB_model_num 
ATOM   1   N N   . SER A 1 1  ? -14.281 0.139   8.666   1.00 7.23 ? -2 SER A N   1 
ATOM   2   C CA  . SER A 1 1  ? -14.562 1.547   8.362   1.00 7.23 ? -2 SER A CA  1 
ATOM   3   C C   . SER A 1 1  ? -13.786 2.123   7.176   1.00 7.23 ? -2 SER A C   1 
ATOM   4   O O   . SER A 1 1  ? -12.557 1.927   7.044   1.00 7.23 ? -2 SER A O   1 
ATOM   5   C CB  . SER A 1 1  ? -14.411 2.390   9.622   1.00 7.23 ? -2 SER A CB  1 
ATOM   6   O OG  . SER A 1 1  ? -15.253 1.832   10.663  1.00 7.23 ? -2 SER A OG  1 
ATOM   7   N N   . SER A 1 2  ? -14.506 2.867   6.334   1.00 7.23 ? -1 SER A N   1 
ATOM   8   C CA  . SER A 1 2  ? -13.968 3.472   5.118   1.00 7.23 ? -1 SER A CA  1 
ATOM   9   C C   . SER A 1 2  ? -12.862 4.532   5.202   1.00 7.23 ? -1 SER A C   1 
ATOM   10  O O   . SER A 1 2  ? -12.482 5.357   4.310   1.00 7.23 ? -1 SER A O   1 
ATOM   11  C CB  . SER A 1 2  ? -15.054 3.613   4.063   1.00 7.23 ? -1 SER A CB  1 
ATOM   12  O OG  . SER A 1 2  ? -16.142 4.487   3.992   1.00 7.23 ? -1 SER A OG  1 
ATOM   13  N N   . ASP A 1 3  ? -12.197 4.504   6.343   1.00 7.23 ? 1  ASP A N   1 
ATOM   14  C CA  . ASP A 1 3  ? -11.045 5.356   6.723   1.00 7.23 ? 1  ASP A CA  1 
ATOM   15  C C   . ASP A 1 3  ? -9.928  4.728   5.870   1.00 7.23 ? 1  ASP A C   1 
ATOM   16  O O   . ASP A 1 3  ? -8.997  5.485   5.592   1.00 7.23 ? 1  ASP A O   1 
ATOM   17  C CB  . ASP A 1 3  ? -10.712 5.381   8.181   1.00 7.23 ? 1  ASP A CB  1 
ATOM   18  C CG  . ASP A 1 3  ? -9.454  5.356   8.981   1.00 7.23 ? 1  ASP A CG  1 
ATOM   19  O OD1 . ASP A 1 3  ? -8.629  4.399   8.936   1.00 7.23 ? 1  ASP A OD1 1 
ATOM   20  O OD2 . ASP A 1 3  ? -9.200  6.274   9.812   1.00 7.23 ? 1  ASP A OD2 1 
ATOM   21  N N   . ILE A 1 4  ? -10.096 3.447   5.569   1.00 7.23 ? 2  ILE A N   1 
ATOM   22  C CA  . ILE A 1 4  ? -9.084  2.756   4.753   1.00 7.23 ? 2  ILE A CA  1 
ATOM   23  C C   . ILE A 1 4  ? -9.492  3.078   3.308   1.00 7.23 ? 2  ILE A C   1 
ATOM   24  O O   . ILE A 1 4  ? -10.076 2.259   2.575   1.00 7.23 ? 2  ILE A O   1 
ATOM   25  C CB  . ILE A 1 4  ? -8.870  1.251   5.141   1.00 7.23 ? 2  ILE A CB  1 
ATOM   26  C CG1 . ILE A 1 4  ? -10.023 0.338   4.653   1.00 7.23 ? 2  ILE A CG1 1 
ATOM   27  C CG2 . ILE A 1 4  ? -8.579  1.077   6.667   1.00 7.23 ? 2  ILE A CG2 1 
ATOM   28  C CD1 . ILE A 1 4  ? -10.420 -0.950  5.479   1.00 7.23 ? 2  ILE A CD1 1 
ATOM   29  N N   . CYS A 1 5  ? -9.146  4.322   2.940   1.00 7.23 ? 3  CYS A N   1 
ATOM   30  C CA  . CYS A 1 5  ? -9.454  4.809   1.582   1.00 7.23 ? 3  CYS A CA  1 
ATOM   31  C C   . CYS A 1 5  ? -8.967  3.741   0.591   1.00 7.23 ? 3  CYS A C   1 
ATOM   32  O O   . CYS A 1 5  ? -7.779  3.418   0.434   1.00 7.23 ? 3  CYS A O   1 
ATOM   33  C CB  . CYS A 1 5  ? -9.076  6.234   1.301   1.00 7.23 ? 3  CYS A CB  1 
ATOM   34  S SG  . CYS A 1 5  ? -7.342  6.514   0.925   1.00 7.23 ? 3  CYS A SG  1 
ATOM   35  N N   . PRO A 1 6  ? -9.997  3.185   -0.034  1.00 7.23 ? 4  PRO A N   1 
ATOM   36  C CA  . PRO A 1 6  ? -9.889  2.092   -1.018  1.00 7.23 ? 4  PRO A CA  1 
ATOM   37  C C   . PRO A 1 6  ? -8.735  2.117   -2.034  1.00 7.23 ? 4  PRO A C   1 
ATOM   38  O O   . PRO A 1 6  ? -8.109  1.125   -2.481  1.00 7.23 ? 4  PRO A O   1 
ATOM   39  C CB  . PRO A 1 6  ? -11.288 2.023   -1.679  1.00 7.23 ? 4  PRO A CB  1 
ATOM   40  C CG  . PRO A 1 6  ? -12.051 3.241   -1.230  1.00 7.23 ? 4  PRO A CG  1 
ATOM   41  C CD  . PRO A 1 6  ? -11.438 3.498   0.156   1.00 7.23 ? 4  PRO A CD  1 
ATOM   42  N N   . GLY A 1 7  ? -8.459  3.349   -2.434  1.00 7.23 ? 5  GLY A N   1 
ATOM   43  C CA  . GLY A 1 7  ? -7.412  3.769   -3.359  1.00 7.23 ? 5  GLY A CA  1 
ATOM   44  C C   . GLY A 1 7  ? -6.074  3.549   -2.655  1.00 7.23 ? 5  GLY A C   1 
ATOM   45  O O   . GLY A 1 7  ? -5.169  3.014   -3.329  1.00 7.23 ? 5  GLY A O   1 
ATOM   46  N N   . PHE A 1 8  ? -6.018  3.917   -1.365  1.00 7.23 ? 6  PHE A N   1 
ATOM   47  C CA  . PHE A 1 8  ? -4.810  3.750   -0.566  1.00 7.23 ? 6  PHE A CA  1 
ATOM   48  C C   . PHE A 1 8  ? -4.488  2.287   -0.247  1.00 7.23 ? 6  PHE A C   1 
ATOM   49  O O   . PHE A 1 8  ? -3.308  1.914   -0.329  1.00 7.23 ? 6  PHE A O   1 
ATOM   50  C CB  . PHE A 1 8  ? -4.636  4.501   0.746   1.00 7.23 ? 6  PHE A CB  1 
ATOM   51  C CG  . PHE A 1 8  ? -3.161  4.588   1.077   1.00 7.23 ? 6  PHE A CG  1 
ATOM   52  C CD1 . PHE A 1 8  ? -2.262  5.005   0.088   1.00 7.23 ? 6  PHE A CD1 1 
ATOM   53  C CD2 . PHE A 1 8  ? -2.679  4.249   2.326   1.00 7.23 ? 6  PHE A CD2 1 
ATOM   54  C CE1 . PHE A 1 8  ? -0.900  5.087   0.343   1.00 7.23 ? 6  PHE A CE1 1 
ATOM   55  C CE2 . PHE A 1 8  ? -1.315  4.322   2.579   1.00 7.23 ? 6  PHE A CE2 1 
ATOM   56  C CZ  . PHE A 1 8  ? -0.414  4.762   1.593   1.00 7.23 ? 6  PHE A CZ  1 
ATOM   57  N N   . LEU A 1 9  ? -5.538  1.571   0.124   1.00 7.23 ? 7  LEU A N   1 
ATOM   58  C CA  . LEU A 1 9  ? -5.306  0.130   0.384   1.00 7.23 ? 7  LEU A CA  1 
ATOM   59  C C   . LEU A 1 9  ? -4.966  -0.559  -0.931  1.00 7.23 ? 7  LEU A C   1 
ATOM   60  O O   . LEU A 1 9  ? -4.222  -1.534  -0.854  1.00 7.23 ? 7  LEU A O   1 
ATOM   61  C CB  . LEU A 1 9  ? -6.473  -0.507  1.135   1.00 7.23 ? 7  LEU A CB  1 
ATOM   62  C CG  . LEU A 1 9  ? -6.386  -0.448  2.666   1.00 7.23 ? 7  LEU A CG  1 
ATOM   63  C CD1 . LEU A 1 9  ? -7.494  -1.307  3.287   1.00 7.23 ? 7  LEU A CD1 1 
ATOM   64  C CD2 . LEU A 1 9  ? -5.013  -1.013  3.029   1.00 7.23 ? 7  LEU A CD2 1 
ATOM   65  N N   . GLN A 1 10 ? -5.507  -0.054  -2.037  1.00 7.23 ? 8  GLN A N   1 
ATOM   66  C CA  . GLN A 1 10 ? -5.257  -0.627  -3.365  1.00 7.23 ? 8  GLN A CA  1 
ATOM   67  C C   . GLN A 1 10 ? -3.785  -0.830  -3.728  1.00 7.23 ? 8  GLN A C   1 
ATOM   68  O O   . GLN A 1 10 ? -3.402  -2.014  -3.891  1.00 7.23 ? 8  GLN A O   1 
ATOM   69  C CB  . GLN A 1 10 ? -5.854  0.137   -4.543  1.00 7.23 ? 8  GLN A CB  1 
ATOM   70  C CG  . GLN A 1 10 ? -6.007  -0.713  -5.810  1.00 7.23 ? 8  GLN A CG  1 
ATOM   71  C CD  . GLN A 1 10 ? -6.850  -1.985  -5.783  1.00 7.23 ? 8  GLN A CD  1 
ATOM   72  O OE1 . GLN A 1 10 ? -7.738  -2.221  -4.924  1.00 7.23 ? 8  GLN A OE1 1 
ATOM   73  N NE2 . GLN A 1 10 ? -6.661  -2.940  -6.746  1.00 7.23 ? 8  GLN A NE2 1 
ATOM   74  N N   . VAL A 1 11 ? -3.044  0.278   -3.834  1.00 7.23 ? 9  VAL A N   1 
ATOM   75  C CA  . VAL A 1 11 ? -1.594  0.237   -4.140  1.00 7.23 ? 9  VAL A CA  1 
ATOM   76  C C   . VAL A 1 11 ? -0.808  -0.601  -3.126  1.00 7.23 ? 9  VAL A C   1 
ATOM   77  O O   . VAL A 1 11 ? -0.036  -1.477  -3.573  1.00 7.23 ? 9  VAL A O   1 
ATOM   78  C CB  . VAL A 1 11 ? -1.046  1.675   -4.213  1.00 7.23 ? 9  VAL A CB  1 
ATOM   79  C CG1 . VAL A 1 11 ? 0.441   1.890   -3.966  1.00 7.23 ? 9  VAL A CG1 1 
ATOM   80  C CG2 . VAL A 1 11 ? -1.378  2.264   -5.615  1.00 7.23 ? 9  VAL A CG2 1 
ATOM   81  N N   . LEU A 1 12 ? -0.997  -0.381  -1.833  1.00 7.23 ? 10 LEU A N   1 
ATOM   82  C CA  . LEU A 1 12 ? -0.299  -1.138  -0.802  1.00 7.23 ? 10 LEU A CA  1 
ATOM   83  C C   . LEU A 1 12 ? -0.501  -2.640  -1.013  1.00 7.23 ? 10 LEU A C   1 
ATOM   84  O O   . LEU A 1 12 ? 0.440   -3.464  -0.985  1.00 7.23 ? 10 LEU A O   1 
ATOM   85  C CB  . LEU A 1 12 ? -0.717  -0.667  0.581   1.00 7.23 ? 10 LEU A CB  1 
ATOM   86  C CG  . LEU A 1 12 ? -0.260  0.649   1.192   1.00 7.23 ? 10 LEU A CG  1 
ATOM   87  C CD1 . LEU A 1 12 ? 0.268   0.363   2.610   1.00 7.23 ? 10 LEU A CD1 1 
ATOM   88  C CD2 . LEU A 1 12 ? 0.741   1.391   0.316   1.00 7.23 ? 10 LEU A CD2 1 
ATOM   89  N N   . GLU A 1 13 ? -1.755  -2.992  -1.251  1.00 7.23 ? 11 GLU A N   1 
ATOM   90  C CA  . GLU A 1 13 ? -2.141  -4.391  -1.482  1.00 7.23 ? 11 GLU A CA  1 
ATOM   91  C C   . GLU A 1 13 ? -1.322  -4.901  -2.666  1.00 7.23 ? 11 GLU A C   1 
ATOM   92  O O   . GLU A 1 13 ? -1.391  -6.124  -2.919  1.00 7.23 ? 11 GLU A O   1 
ATOM   93  C CB  . GLU A 1 13 ? -3.617  -4.652  -1.675  1.00 7.23 ? 11 GLU A CB  1 
ATOM   94  C CG  . GLU A 1 13 ? -4.441  -4.959  -0.419  1.00 7.23 ? 11 GLU A CG  1 
ATOM   95  C CD  . GLU A 1 13 ? -5.672  -5.820  -0.562  1.00 7.23 ? 11 GLU A CD  1 
ATOM   96  O OE1 . GLU A 1 13 ? -5.984  -6.413  -1.601  1.00 7.23 ? 11 GLU A OE1 1 
ATOM   97  O OE2 . GLU A 1 13 ? -6.393  -5.921  0.472   1.00 7.23 ? 11 GLU A OE2 1 
ATOM   98  N N   . ALA A 1 14 ? -0.646  -4.027  -3.381  1.00 7.23 ? 12 ALA A N   1 
ATOM   99  C CA  . ALA A 1 14 ? 0.121   -4.445  -4.544  1.00 7.23 ? 12 ALA A CA  1 
ATOM   100 C C   . ALA A 1 14 ? 1.539   -3.971  -4.687  1.00 7.23 ? 12 ALA A C   1 
ATOM   101 O O   . ALA A 1 14 ? 2.159   -4.361  -5.704  1.00 7.23 ? 12 ALA A O   1 
ATOM   102 C CB  . ALA A 1 14 ? -0.745  -4.320  -5.783  1.00 7.23 ? 12 ALA A CB  1 
ATOM   103 N N   . LEU A 1 15 ? 1.991   -3.114  -3.790  1.00 7.23 ? 13 LEU A N   1 
ATOM   104 C CA  . LEU A 1 15 ? 3.407   -2.657  -3.809  1.00 7.23 ? 13 LEU A CA  1 
ATOM   105 C C   . LEU A 1 15 ? 4.082   -3.984  -3.310  1.00 7.23 ? 13 LEU A C   1 
ATOM   106 O O   . LEU A 1 15 ? 4.900   -4.788  -3.747  1.00 7.23 ? 13 LEU A O   1 
ATOM   107 C CB  . LEU A 1 15 ? 3.622   -1.559  -2.709  1.00 7.23 ? 13 LEU A CB  1 
ATOM   108 C CG  . LEU A 1 15 ? 4.856   -0.602  -2.592  1.00 7.23 ? 13 LEU A CG  1 
ATOM   109 C CD1 . LEU A 1 15 ? 5.151   -0.353  -1.097  1.00 7.23 ? 13 LEU A CD1 1 
ATOM   110 C CD2 . LEU A 1 15 ? 6.179   -1.144  -3.199  1.00 7.23 ? 13 LEU A CD2 1 
ATOM   111 N N   . LEU A 1 16 ? 3.508   -4.237  -2.145  1.00 7.23 ? 14 LEU A N   1 
ATOM   112 C CA  . LEU A 1 16 ? 3.784   -5.379  -1.279  1.00 7.23 ? 14 LEU A CA  1 
ATOM   113 C C   . LEU A 1 16 ? 3.513   -6.647  -2.066  1.00 7.23 ? 14 LEU A C   1 
ATOM   114 O O   . LEU A 1 16 ? 4.430   -7.491  -1.979  1.00 7.23 ? 14 LEU A O   1 
ATOM   115 C CB  . LEU A 1 16 ? 3.049   -5.084  0.033   1.00 7.23 ? 14 LEU A CB  1 
ATOM   116 C CG  . LEU A 1 16 ? 3.892   -4.519  1.183   1.00 7.23 ? 14 LEU A CG  1 
ATOM   117 C CD1 . LEU A 1 16 ? 4.407   -3.118  0.818   1.00 7.23 ? 14 LEU A CD1 1 
ATOM   118 C CD2 . LEU A 1 16 ? 3.019   -4.551  2.468   1.00 7.23 ? 14 LEU A CD2 1 
ATOM   119 N N   . LEU A 1 17 ? 2.413   -6.776  -2.782  1.00 7.23 ? 15 LEU A N   1 
ATOM   120 C CA  . LEU A 1 17 ? 2.176   -8.038  -3.499  1.00 7.23 ? 15 LEU A CA  1 
ATOM   121 C C   . LEU A 1 17 ? 2.041   -8.219  -4.986  1.00 7.23 ? 15 LEU A C   1 
ATOM   122 O O   . LEU A 1 17 ? 2.213   -9.389  -5.376  1.00 7.23 ? 15 LEU A O   1 
ATOM   123 C CB  . LEU A 1 17 ? 0.876   -8.600  -2.825  1.00 7.23 ? 15 LEU A CB  1 
ATOM   124 C CG  . LEU A 1 17 ? 1.018   -8.930  -1.345  1.00 7.23 ? 15 LEU A CG  1 
ATOM   125 C CD1 . LEU A 1 17 ? -0.300  -9.175  -0.612  1.00 7.23 ? 15 LEU A CD1 1 
ATOM   126 C CD2 . LEU A 1 17 ? 1.903   -10.191 -1.287  1.00 7.23 ? 15 LEU A CD2 1 
ATOM   127 N N   . GLY A 1 18 ? 1.683   -7.246  -5.790  1.00 7.23 ? 16 GLY A N   1 
ATOM   128 C CA  . GLY A 1 18 ? 1.449   -7.461  -7.232  1.00 7.23 ? 16 GLY A CA  1 
ATOM   129 C C   . GLY A 1 18 ? 2.376   -6.813  -8.240  1.00 7.23 ? 16 GLY A C   1 
ATOM   130 O O   . GLY A 1 18 ? 2.913   -5.718  -7.975  1.00 7.23 ? 16 GLY A O   1 
ATOM   131 N N   . SER A 1 19 ? 2.546   -7.469  -9.360  1.00 7.23 ? 17 SER A N   1 
ATOM   132 C CA  . SER A 1 19 ? 3.426   -7.016  -10.438 1.00 7.23 ? 17 SER A CA  1 
ATOM   133 C C   . SER A 1 19 ? 3.568   -5.514  -10.656 1.00 7.23 ? 17 SER A C   1 
ATOM   134 O O   . SER A 1 19 ? 2.777   -4.623  -10.300 1.00 7.23 ? 17 SER A O   1 
ATOM   135 C CB  . SER A 1 19 ? 2.905   -7.635  -11.740 1.00 7.23 ? 17 SER A CB  1 
ATOM   136 O OG  . SER A 1 19 ? 1.514   -7.910  -11.567 1.00 7.23 ? 17 SER A OG  1 
ATOM   137 N N   . GLU A 1 20 ? 4.710   -5.251  -11.307 1.00 7.23 ? 18 GLU A N   1 
ATOM   138 C CA  . GLU A 1 20 ? 5.075   -3.854  -11.634 1.00 7.23 ? 18 GLU A CA  1 
ATOM   139 C C   . GLU A 1 20 ? 3.850   -3.184  -12.273 1.00 7.23 ? 18 GLU A C   1 
ATOM   140 O O   . GLU A 1 20 ? 3.609   -2.001  -12.002 1.00 7.23 ? 18 GLU A O   1 
ATOM   141 C CB  . GLU A 1 20 ? 6.269   -3.670  -12.541 1.00 7.23 ? 18 GLU A CB  1 
ATOM   142 C CG  . GLU A 1 20 ? 7.504   -2.995  -11.962 1.00 7.23 ? 18 GLU A CG  1 
ATOM   143 C CD  . GLU A 1 20 ? 8.814   -3.545  -12.478 1.00 7.23 ? 18 GLU A CD  1 
ATOM   144 O OE1 . GLU A 1 20 ? 9.324   -3.202  -13.545 1.00 7.23 ? 18 GLU A OE1 1 
ATOM   145 O OE2 . GLU A 1 20 ? 9.389   -4.420  -11.760 1.00 7.23 ? 18 GLU A OE2 1 
ATOM   146 N N   . SER A 1 21 ? 3.136   -3.914  -13.116 1.00 7.23 ? 19 SER A N   1 
ATOM   147 C CA  . SER A 1 21 ? 1.948   -3.355  -13.791 1.00 7.23 ? 19 SER A CA  1 
ATOM   148 C C   . SER A 1 21 ? 1.008   -3.000  -12.650 1.00 7.23 ? 19 SER A C   1 
ATOM   149 O O   . SER A 1 21 ? 0.604   -1.846  -12.470 1.00 7.23 ? 19 SER A O   1 
ATOM   150 C CB  . SER A 1 21 ? 1.453   -4.438  -14.708 1.00 7.23 ? 19 SER A CB  1 
ATOM   151 O OG  . SER A 1 21 ? 2.642   -4.970  -15.311 1.00 7.23 ? 19 SER A OG  1 
ATOM   152 N N   . ASN A 1 22 ? 0.739   -4.017  -11.848 1.00 7.23 ? 20 ASN A N   1 
ATOM   153 C CA  . ASN A 1 22 ? -0.126  -3.868  -10.662 1.00 7.23 ? 20 ASN A CA  1 
ATOM   154 C C   . ASN A 1 22 ? 0.217   -2.554  -9.967  1.00 7.23 ? 20 ASN A C   1 
ATOM   155 O O   . ASN A 1 22 ? -0.795  -1.971  -9.569  1.00 7.23 ? 20 ASN A O   1 
ATOM   156 C CB  . ASN A 1 22 ? -0.060  -4.998  -9.650  1.00 7.23 ? 20 ASN A CB  1 
ATOM   157 C CG  . ASN A 1 22 ? -0.779  -6.254  -10.112 1.00 7.23 ? 20 ASN A CG  1 
ATOM   158 O OD1 . ASN A 1 22 ? -1.328  -6.234  -11.227 1.00 7.23 ? 20 ASN A OD1 1 
ATOM   159 N ND2 . ASN A 1 22 ? -0.728  -7.235  -9.205  1.00 7.23 ? 20 ASN A ND2 1 
ATOM   160 N N   . TYR A 1 23 ? 1.459   -2.173  -9.828  1.00 7.23 ? 21 TYR A N   1 
ATOM   161 C CA  . TYR A 1 23 ? 1.741   -0.884  -9.146  1.00 7.23 ? 21 TYR A CA  1 
ATOM   162 C C   . TYR A 1 23 ? 1.413   0.309   -10.024 1.00 7.23 ? 21 TYR A C   1 
ATOM   163 O O   . TYR A 1 23 ? 0.491   1.066   -9.737  1.00 7.23 ? 21 TYR A O   1 
ATOM   164 C CB  . TYR A 1 23 ? 3.183   -0.789  -8.639  1.00 7.23 ? 21 TYR A CB  1 
ATOM   165 C CG  . TYR A 1 23 ? 3.583   0.330   -7.735  1.00 7.23 ? 21 TYR A CG  1 
ATOM   166 C CD1 . TYR A 1 23 ? 2.902   0.603   -6.550  1.00 7.23 ? 21 TYR A CD1 1 
ATOM   167 C CD2 . TYR A 1 23 ? 4.693   1.113   -8.040  1.00 7.23 ? 21 TYR A CD2 1 
ATOM   168 C CE1 . TYR A 1 23 ? 3.267   1.644   -5.700  1.00 7.23 ? 21 TYR A CE1 1 
ATOM   169 C CE2 . TYR A 1 23 ? 5.077   2.176   -7.213  1.00 7.23 ? 21 TYR A CE2 1 
ATOM   170 C CZ  . TYR A 1 23 ? 4.347   2.423   -6.061  1.00 7.23 ? 21 TYR A CZ  1 
ATOM   171 O OH  . TYR A 1 23 ? 4.756   3.461   -5.290  1.00 7.23 ? 21 TYR A OH  1 
ATOM   172 N N   . GLU A 1 24 ? 2.163   0.417   -11.089 1.00 7.23 ? 22 GLU A N   1 
ATOM   173 C CA  . GLU A 1 24 ? 2.032   1.506   -12.082 1.00 7.23 ? 22 GLU A CA  1 
ATOM   174 C C   . GLU A 1 24 ? 0.524   1.701   -12.212 1.00 7.23 ? 22 GLU A C   1 
ATOM   175 O O   . GLU A 1 24 ? 0.043   2.801   -11.879 1.00 7.23 ? 22 GLU A O   1 
ATOM   176 C CB  . GLU A 1 24 ? 2.871   1.292   -13.342 1.00 7.23 ? 22 GLU A CB  1 
ATOM   177 C CG  . GLU A 1 24 ? 3.708   2.216   -14.193 1.00 7.23 ? 22 GLU A CG  1 
ATOM   178 C CD  . GLU A 1 24 ? 3.296   2.935   -15.465 1.00 7.23 ? 22 GLU A CD  1 
ATOM   179 O OE1 . GLU A 1 24 ? 2.357   2.740   -16.257 1.00 7.23 ? 22 GLU A OE1 1 
ATOM   180 O OE2 . GLU A 1 24 ? 4.052   3.890   -15.798 1.00 7.23 ? 22 GLU A OE2 1 
ATOM   181 N N   . ALA A 1 25 ? -0.234  0.687   -12.546 1.00 7.23 ? 23 ALA A N   1 
ATOM   182 C CA  . ALA A 1 25 ? -1.684  0.773   -12.669 1.00 7.23 ? 23 ALA A CA  1 
ATOM   183 C C   . ALA A 1 25 ? -2.341  1.268   -11.385 1.00 7.23 ? 23 ALA A C   1 
ATOM   184 O O   . ALA A 1 25 ? -3.103  2.233   -11.469 1.00 7.23 ? 23 ALA A O   1 
ATOM   185 C CB  . ALA A 1 25 ? -2.313  -0.585  -12.941 1.00 7.23 ? 23 ALA A CB  1 
ATOM   186 N N   . ALA A 1 26 ? -2.051  0.639   -10.277 1.00 7.23 ? 24 ALA A N   1 
ATOM   187 C CA  . ALA A 1 26 ? -2.642  1.015   -8.989  1.00 7.23 ? 24 ALA A CA  1 
ATOM   188 C C   . ALA A 1 26 ? -2.602  2.537   -8.787  1.00 7.23 ? 24 ALA A C   1 
ATOM   189 O O   . ALA A 1 26 ? -3.495  3.195   -8.194  1.00 7.23 ? 24 ALA A O   1 
ATOM   190 C CB  . ALA A 1 26 ? -1.994  0.202   -7.888  1.00 7.23 ? 24 ALA A CB  1 
ATOM   191 N N   . LEU A 1 27 ? -1.525  3.075   -9.308  1.00 7.23 ? 25 LEU A N   1 
ATOM   192 C CA  . LEU A 1 27 ? -1.216  4.486   -9.288  1.00 7.23 ? 25 LEU A CA  1 
ATOM   193 C C   . LEU A 1 27 ? -1.887  5.461   -10.229 1.00 7.23 ? 25 LEU A C   1 
ATOM   194 O O   . LEU A 1 27 ? -2.105  6.592   -9.714  1.00 7.23 ? 25 LEU A O   1 
ATOM   195 C CB  . LEU A 1 27 ? 0.316   4.534   -9.370  1.00 7.23 ? 25 LEU A CB  1 
ATOM   196 C CG  . LEU A 1 27 ? 1.128   4.056   -8.176  1.00 7.23 ? 25 LEU A CG  1 
ATOM   197 C CD1 . LEU A 1 27 ? 2.503   4.695   -8.411  1.00 7.23 ? 25 LEU A CD1 1 
ATOM   198 C CD2 . LEU A 1 27 ? 0.477   4.453   -6.845  1.00 7.23 ? 25 LEU A CD2 1 
ATOM   199 N N   . LYS A 1 28 ? -2.218  5.198   -11.476 1.00 7.23 ? 26 LYS A N   1 
ATOM   200 C CA  . LYS A 1 28 ? -2.831  6.173   -12.372 1.00 7.23 ? 26 LYS A CA  1 
ATOM   201 C C   . LYS A 1 28 ? -3.924  7.083   -11.859 1.00 7.23 ? 26 LYS A C   1 
ATOM   202 O O   . LYS A 1 28 ? -3.845  8.298   -12.191 1.00 7.23 ? 26 LYS A O   1 
ATOM   203 C CB  . LYS A 1 28 ? -2.997  5.818   -13.851 1.00 7.23 ? 26 LYS A CB  1 
ATOM   204 C CG  . LYS A 1 28 ? -3.350  4.302   -14.259 1.00 7.23 ? 26 LYS A CG  1 
ATOM   205 C CD  . LYS A 1 28 ? -3.095  4.035   -15.742 1.00 7.23 ? 26 LYS A CD  1 
ATOM   206 C CE  . LYS A 1 28 ? -1.670  4.272   -16.253 1.00 7.23 ? 26 LYS A CE  1 
ATOM   207 N NZ  . LYS A 1 28 ? -1.728  4.721   -17.756 1.00 7.23 ? 26 LYS A NZ  1 
ATOM   208 N N   . PRO A 1 29 ? -4.870  6.607   -11.084 1.00 7.23 ? 27 PRO A N   1 
ATOM   209 C CA  . PRO A 1 29 ? -5.940  7.431   -10.519 1.00 7.23 ? 27 PRO A CA  1 
ATOM   210 C C   . PRO A 1 29 ? -5.502  8.615   -9.674  1.00 7.23 ? 27 PRO A C   1 
ATOM   211 O O   . PRO A 1 29 ? -6.325  9.473   -9.267  1.00 7.23 ? 27 PRO A O   1 
ATOM   212 C CB  . PRO A 1 29 ? -6.864  6.385   -9.776  1.00 7.23 ? 27 PRO A CB  1 
ATOM   213 C CG  . PRO A 1 29 ? -6.655  5.157   -10.661 1.00 7.23 ? 27 PRO A CG  1 
ATOM   214 C CD  . PRO A 1 29 ? -5.029  5.209   -10.695 1.00 7.23 ? 27 PRO A CD  1 
ATOM   215 N N   . PHE A 1 30 ? -4.209  8.714   -9.406  1.00 7.23 ? 28 PHE A N   1 
ATOM   216 C CA  . PHE A 1 30 ? -3.666  9.829   -8.605  1.00 7.23 ? 28 PHE A CA  1 
ATOM   217 C C   . PHE A 1 30 ? -3.023  10.897  -9.461  1.00 7.23 ? 28 PHE A C   1 
ATOM   218 O O   . PHE A 1 30 ? -3.204  12.088  -9.176  1.00 7.23 ? 28 PHE A O   1 
ATOM   219 C CB  . PHE A 1 30 ? -2.877  9.281   -7.403  1.00 7.23 ? 28 PHE A CB  1 
ATOM   220 C CG  . PHE A 1 30 ? -3.897  8.724   -6.435  1.00 7.23 ? 28 PHE A CG  1 
ATOM   221 C CD1 . PHE A 1 30 ? -4.642  9.577   -5.613  1.00 7.23 ? 28 PHE A CD1 1 
ATOM   222 C CD2 . PHE A 1 30 ? -4.129  7.354   -6.421  1.00 7.23 ? 28 PHE A CD2 1 
ATOM   223 C CE1 . PHE A 1 30 ? -5.596  9.037   -4.738  1.00 7.23 ? 28 PHE A CE1 1 
ATOM   224 C CE2 . PHE A 1 30 ? -5.081  6.811   -5.565  1.00 7.23 ? 28 PHE A CE2 1 
ATOM   225 C CZ  . PHE A 1 30 ? -5.813  7.652   -4.733  1.00 7.23 ? 28 PHE A CZ  1 
ATOM   226 N N   . ASN A 1 31 ? -2.326  10.463  -10.475 1.00 7.23 ? 29 ASN A N   1 
ATOM   227 C CA  . ASN A 1 31 ? -1.554  11.162  -11.506 1.00 7.23 ? 29 ASN A CA  1 
ATOM   228 C C   . ASN A 1 31 ? -0.324  11.882  -10.946 1.00 7.23 ? 29 ASN A C   1 
ATOM   229 O O   . ASN A 1 31 ? -0.155  13.094  -11.202 1.00 7.23 ? 29 ASN A O   1 
ATOM   230 C CB  . ASN A 1 31 ? -2.388  11.831  -12.599 1.00 7.23 ? 29 ASN A CB  1 
ATOM   231 C CG  . ASN A 1 31 ? -2.163  12.618  -13.876 1.00 7.23 ? 29 ASN A CG  1 
ATOM   232 O OD1 . ASN A 1 31 ? -1.473  12.360  -14.907 1.00 7.23 ? 29 ASN A OD1 1 
ATOM   233 N ND2 . ASN A 1 31 ? -2.819  13.832  -13.976 1.00 7.23 ? 29 ASN A ND2 1 
ATOM   234 N N   . PRO A 1 32 ? 0.520   11.164  -10.216 1.00 7.23 ? 30 PRO A N   1 
ATOM   235 C CA  . PRO A 1 32 ? 1.725   11.725  -9.598  1.00 7.23 ? 30 PRO A CA  1 
ATOM   236 C C   . PRO A 1 32 ? 2.734   12.351  -10.564 1.00 7.23 ? 30 PRO A C   1 
ATOM   237 O O   . PRO A 1 32 ? 2.749   11.992  -11.765 1.00 7.23 ? 30 PRO A O   1 
ATOM   238 C CB  . PRO A 1 32 ? 2.389   10.576  -8.863  1.00 7.23 ? 30 PRO A CB  1 
ATOM   239 C CG  . PRO A 1 32 ? 1.822   9.390   -9.606  1.00 7.23 ? 30 PRO A CG  1 
ATOM   240 C CD  . PRO A 1 32 ? 0.374   9.754   -9.869  1.00 7.23 ? 30 PRO A CD  1 
ATOM   241 N N   . ALA A 1 33 ? 3.537   13.260  -10.012 1.00 7.23 ? 31 ALA A N   1 
ATOM   242 C CA  . ALA A 1 33 ? 4.563   13.892  -10.858 1.00 7.23 ? 31 ALA A CA  1 
ATOM   243 C C   . ALA A 1 33 ? 5.466   12.698  -11.207 1.00 7.23 ? 31 ALA A C   1 
ATOM   244 O O   . ALA A 1 33 ? 5.733   11.883  -10.320 1.00 7.23 ? 31 ALA A O   1 
ATOM   245 C CB  . ALA A 1 33 ? 5.525   14.896  -10.214 1.00 7.23 ? 31 ALA A CB  1 
ATOM   246 N N   . SER A 1 34 ? 5.900   12.637  -12.429 1.00 7.23 ? 32 SER A N   1 
ATOM   247 C CA  . SER A 1 34 ? 6.789   11.610  -12.956 1.00 7.23 ? 32 SER A CA  1 
ATOM   248 C C   . SER A 1 34 ? 7.948   11.386  -11.981 1.00 7.23 ? 32 SER A C   1 
ATOM   249 O O   . SER A 1 34 ? 8.190   10.228  -11.607 1.00 7.23 ? 32 SER A O   1 
ATOM   250 C CB  . SER A 1 34 ? 7.373   12.027  -14.297 1.00 7.23 ? 32 SER A CB  1 
ATOM   251 O OG  . SER A 1 34 ? 8.304   13.089  -14.249 1.00 7.23 ? 32 SER A OG  1 
ATOM   252 N N   . ASP A 1 35 ? 8.600   12.455  -11.603 1.00 7.23 ? 33 ASP A N   1 
ATOM   253 C CA  . ASP A 1 35 ? 9.705   12.359  -10.634 1.00 7.23 ? 33 ASP A CA  1 
ATOM   254 C C   . ASP A 1 35 ? 9.204   11.488  -9.477  1.00 7.23 ? 33 ASP A C   1 
ATOM   255 O O   . ASP A 1 35 ? 9.824   10.477  -9.138  1.00 7.23 ? 33 ASP A O   1 
ATOM   256 C CB  . ASP A 1 35 ? 10.187  13.756  -10.260 1.00 7.23 ? 33 ASP A CB  1 
ATOM   257 C CG  . ASP A 1 35 ? 9.069   14.785  -10.177 1.00 7.23 ? 33 ASP A CG  1 
ATOM   258 O OD1 . ASP A 1 35 ? 8.697   15.213  -11.300 1.00 7.23 ? 33 ASP A OD1 1 
ATOM   259 O OD2 . ASP A 1 35 ? 8.511   15.185  -9.116  1.00 7.23 ? 33 ASP A OD2 1 
ATOM   260 N N   . LEU A 1 36 ? 8.090   11.814  -8.873  1.00 7.23 ? 34 LEU A N   1 
ATOM   261 C CA  . LEU A 1 36 ? 7.448   11.133  -7.768  1.00 7.23 ? 34 LEU A CA  1 
ATOM   262 C C   . LEU A 1 36 ? 7.114   9.691   -8.152  1.00 7.23 ? 34 LEU A C   1 
ATOM   263 O O   . LEU A 1 36 ? 7.397   8.731   -7.435  1.00 7.23 ? 34 LEU A O   1 
ATOM   264 C CB  . LEU A 1 36 ? 6.155   11.832  -7.394  1.00 7.23 ? 34 LEU A CB  1 
ATOM   265 C CG  . LEU A 1 36 ? 5.803   12.850  -6.339  1.00 7.23 ? 34 LEU A CG  1 
ATOM   266 C CD1 . LEU A 1 36 ? 6.900   13.849  -6.031  1.00 7.23 ? 34 LEU A CD1 1 
ATOM   267 C CD2 . LEU A 1 36 ? 4.513   13.538  -6.843  1.00 7.23 ? 34 LEU A CD2 1 
ATOM   268 N N   . GLN A 1 37 ? 6.486   9.593   -9.298  1.00 7.23 ? 35 GLN A N   1 
ATOM   269 C CA  . GLN A 1 37 ? 6.046   8.288   -9.838  1.00 7.23 ? 35 GLN A CA  1 
ATOM   270 C C   . GLN A 1 37 ? 7.217   7.329   -9.738  1.00 7.23 ? 35 GLN A C   1 
ATOM   271 O O   . GLN A 1 37 ? 7.171   6.228   -9.210  1.00 7.23 ? 35 GLN A O   1 
ATOM   272 C CB  . GLN A 1 37 ? 5.521   8.457   -11.253 1.00 7.23 ? 35 GLN A CB  1 
ATOM   273 C CG  . GLN A 1 37 ? 4.261   7.657   -11.502 1.00 7.23 ? 35 GLN A CG  1 
ATOM   274 C CD  . GLN A 1 37 ? 4.476   6.525   -12.482 1.00 7.23 ? 35 GLN A CD  1 
ATOM   275 O OE1 . GLN A 1 37 ? 5.074   5.496   -12.141 1.00 7.23 ? 35 GLN A OE1 1 
ATOM   276 N NE2 . GLN A 1 37 ? 3.961   6.780   -13.703 1.00 7.23 ? 35 GLN A NE2 1 
ATOM   277 N N   . ASN A 1 38 ? 8.309   7.813   -10.247 1.00 7.23 ? 36 ASN A N   1 
ATOM   278 C CA  . ASN A 1 38 ? 9.635   7.218   -10.372 1.00 7.23 ? 36 ASN A CA  1 
ATOM   279 C C   . ASN A 1 38 ? 10.275  6.765   -9.066  1.00 7.23 ? 36 ASN A C   1 
ATOM   280 O O   . ASN A 1 38 ? 11.006  5.760   -9.023  1.00 7.23 ? 36 ASN A O   1 
ATOM   281 C CB  . ASN A 1 38 ? 10.483  8.320   -10.995 1.00 7.23 ? 36 ASN A CB  1 
ATOM   282 C CG  . ASN A 1 38 ? 11.857  7.885   -11.422 1.00 7.23 ? 36 ASN A CG  1 
ATOM   283 O OD1 . ASN A 1 38 ? 11.916  6.823   -12.062 1.00 7.23 ? 36 ASN A OD1 1 
ATOM   284 N ND2 . ASN A 1 38 ? 12.809  8.756   -11.061 1.00 7.23 ? 36 ASN A ND2 1 
ATOM   285 N N   . ALA A 1 39 ? 9.976   7.570   -8.063  1.00 7.23 ? 37 ALA A N   1 
ATOM   286 C CA  . ALA A 1 39 ? 10.485  7.284   -6.715  1.00 7.23 ? 37 ALA A CA  1 
ATOM   287 C C   . ALA A 1 39 ? 9.820   5.973   -6.299  1.00 7.23 ? 37 ALA A C   1 
ATOM   288 O O   . ALA A 1 39 ? 10.372  5.059   -5.674  1.00 7.23 ? 37 ALA A O   1 
ATOM   289 C CB  . ALA A 1 39 ? 10.138  8.433   -5.756  1.00 7.23 ? 37 ALA A CB  1 
ATOM   290 N N   . GLY A 1 40 ? 8.560   5.913   -6.668  1.00 7.23 ? 38 GLY A N   1 
ATOM   291 C CA  . GLY A 1 40 ? 7.659   4.795   -6.370  1.00 7.23 ? 38 GLY A CA  1 
ATOM   292 C C   . GLY A 1 40 ? 8.185   3.472   -6.909  1.00 7.23 ? 38 GLY A C   1 
ATOM   293 O O   . GLY A 1 40 ? 8.171   2.453   -6.199  1.00 7.23 ? 38 GLY A O   1 
ATOM   294 N N   . THR A 1 41 ? 8.632   3.539   -8.138  1.00 7.23 ? 39 THR A N   1 
ATOM   295 C CA  . THR A 1 41 ? 9.150   2.354   -8.833  1.00 7.23 ? 39 THR A CA  1 
ATOM   296 C C   . THR A 1 41 ? 10.404  1.893   -8.107  1.00 7.23 ? 39 THR A C   1 
ATOM   297 O O   . THR A 1 41 ? 10.576  0.663   -7.936  1.00 7.23 ? 39 THR A O   1 
ATOM   298 C CB  . THR A 1 41 ? 9.428   2.693   -10.378 1.00 7.23 ? 39 THR A CB  1 
ATOM   299 O OG1 . THR A 1 41 ? 8.552   3.858   -10.601 1.00 7.23 ? 39 THR A OG1 1 
ATOM   300 C CG2 . THR A 1 41 ? 8.950   1.557   -11.307 1.00 7.23 ? 39 THR A CG2 1 
ATOM   301 N N   . GLN A 1 42 ? 11.198  2.911   -7.755  1.00 7.23 ? 40 GLN A N   1 
ATOM   302 C CA  . GLN A 1 42 ? 12.482  2.583   -7.067  1.00 7.23 ? 40 GLN A CA  1 
ATOM   303 C C   . GLN A 1 42 ? 12.135  1.700   -5.857  1.00 7.23 ? 40 GLN A C   1 
ATOM   304 O O   . GLN A 1 42 ? 12.859  0.707   -5.690  1.00 7.23 ? 40 GLN A O   1 
ATOM   305 C CB  . GLN A 1 42 ? 13.321  3.789   -6.749  1.00 7.23 ? 40 GLN A CB  1 
ATOM   306 C CG  . GLN A 1 42 ? 14.814  3.717   -6.473  1.00 7.23 ? 40 GLN A CG  1 
ATOM   307 C CD  . GLN A 1 42 ? 15.440  5.100   -6.404  1.00 7.23 ? 40 GLN A CD  1 
ATOM   308 O OE1 . GLN A 1 42 ? 16.492  5.489   -5.862  1.00 7.23 ? 40 GLN A OE1 1 
ATOM   309 N NE2 . GLN A 1 42 ? 14.712  6.018   -7.054  1.00 7.23 ? 40 GLN A NE2 1 
ATOM   310 N N   . LEU A 1 43 ? 11.073  2.058   -5.159  1.00 7.23 ? 41 LEU A N   1 
ATOM   311 C CA  . LEU A 1 43 ? 10.608  1.309   -4.019  1.00 7.23 ? 41 LEU A CA  1 
ATOM   312 C C   . LEU A 1 43 ? 10.137  -0.132  -4.239  1.00 7.23 ? 41 LEU A C   1 
ATOM   313 O O   . LEU A 1 43 ? 10.428  -1.041  -3.481  1.00 7.23 ? 41 LEU A O   1 
ATOM   314 C CB  . LEU A 1 43 ? 9.338   1.932   -3.344  1.00 7.23 ? 41 LEU A CB  1 
ATOM   315 C CG  . LEU A 1 43 ? 8.916   1.035   -2.140  1.00 7.23 ? 41 LEU A CG  1 
ATOM   316 C CD1 . LEU A 1 43 ? 10.013  0.973   -1.088  1.00 7.23 ? 41 LEU A CD1 1 
ATOM   317 C CD2 . LEU A 1 43 ? 7.644   1.602   -1.521  1.00 7.23 ? 41 LEU A CD2 1 
ATOM   318 N N   . LYS A 1 44 ? 9.308   -0.245  -5.240  1.00 7.23 ? 42 LYS A N   1 
ATOM   319 C CA  . LYS A 1 44 ? 8.658   -1.478  -5.695  1.00 7.23 ? 42 LYS A CA  1 
ATOM   320 C C   . LYS A 1 44 ? 9.626   -2.624  -5.958  1.00 7.23 ? 42 LYS A C   1 
ATOM   321 O O   . LYS A 1 44 ? 9.243   -3.807  -5.884  1.00 7.23 ? 42 LYS A O   1 
ATOM   322 C CB  . LYS A 1 44 ? 7.922   -1.152  -6.985  1.00 7.23 ? 42 LYS A CB  1 
ATOM   323 C CG  . LYS A 1 44 ? 7.376   -2.359  -7.742  1.00 7.23 ? 42 LYS A CG  1 
ATOM   324 C CD  . LYS A 1 44 ? 6.204   -2.987  -6.982  1.00 7.23 ? 42 LYS A CD  1 
ATOM   325 C CE  . LYS A 1 44 ? 5.663   -4.187  -7.749  1.00 7.23 ? 42 LYS A CE  1 
ATOM   326 N NZ  . LYS A 1 44 ? 5.348   -5.264  -6.777  1.00 7.23 ? 42 LYS A NZ  1 
ATOM   327 N N   . ARG A 1 45 ? 10.864  -2.266  -6.305  1.00 7.23 ? 43 ARG A N   1 
ATOM   328 C CA  . ARG A 1 45 ? 11.935  -3.235  -6.590  1.00 7.23 ? 43 ARG A CA  1 
ATOM   329 C C   . ARG A 1 45 ? 12.462  -3.945  -5.345  1.00 7.23 ? 43 ARG A C   1 
ATOM   330 O O   . ARG A 1 45 ? 12.345  -5.173  -5.309  1.00 7.23 ? 43 ARG A O   1 
ATOM   331 C CB  . ARG A 1 45 ? 13.034  -2.685  -7.494  1.00 7.23 ? 43 ARG A CB  1 
ATOM   332 C CG  . ARG A 1 45 ? 12.623  -2.711  -8.971  1.00 7.23 ? 43 ARG A CG  1 
ATOM   333 C CD  . ARG A 1 45 ? 13.219  -1.558  -9.675  1.00 7.23 ? 43 ARG A CD  1 
ATOM   334 N NE  . ARG A 1 45 ? 14.384  -1.742  -10.536 1.00 7.23 ? 43 ARG A NE  1 
ATOM   335 C CZ  . ARG A 1 45 ? 15.428  -0.894  -10.728 1.00 7.23 ? 43 ARG A CZ  1 
ATOM   336 N NH1 . ARG A 1 45 ? 15.681  0.099   -9.829  1.00 7.23 ? 43 ARG A NH1 1 
ATOM   337 N NH2 . ARG A 1 45 ? 16.247  -1.075  -11.801 1.00 7.23 ? 43 ARG A NH2 1 
ATOM   338 N N   . LEU A 1 46 ? 12.975  -3.239  -4.372  1.00 7.23 ? 44 LEU A N   1 
ATOM   339 C CA  . LEU A 1 46 ? 13.483  -3.809  -3.136  1.00 7.23 ? 44 LEU A CA  1 
ATOM   340 C C   . LEU A 1 46 ? 12.399  -4.641  -2.484  1.00 7.23 ? 44 LEU A C   1 
ATOM   341 O O   . LEU A 1 46 ? 12.695  -5.694  -1.950  1.00 7.23 ? 44 LEU A O   1 
ATOM   342 C CB  . LEU A 1 46 ? 13.977  -2.724  -2.168  1.00 7.23 ? 44 LEU A CB  1 
ATOM   343 C CG  . LEU A 1 46 ? 15.322  -2.186  -2.638  1.00 7.23 ? 44 LEU A CG  1 
ATOM   344 C CD1 . LEU A 1 46 ? 15.059  -0.805  -3.252  1.00 7.23 ? 44 LEU A CD1 1 
ATOM   345 C CD2 . LEU A 1 46 ? 16.347  -2.271  -1.508  1.00 7.23 ? 44 LEU A CD2 1 
ATOM   346 N N   . VAL A 1 47 ? 11.196  -4.145  -2.545  1.00 7.23 ? 45 VAL A N   1 
ATOM   347 C CA  . VAL A 1 47 ? 10.001  -4.828  -1.995  1.00 7.23 ? 45 VAL A CA  1 
ATOM   348 C C   . VAL A 1 47 ? 9.931   -6.161  -2.736  1.00 7.23 ? 45 VAL A C   1 
ATOM   349 O O   . VAL A 1 47 ? 9.730   -7.173  -2.071  1.00 7.23 ? 45 VAL A O   1 
ATOM   350 C CB  . VAL A 1 47 ? 8.788   -3.895  -2.063  1.00 7.23 ? 45 VAL A CB  1 
ATOM   351 C CG1 . VAL A 1 47 ? 7.447   -4.586  -2.009  1.00 7.23 ? 45 VAL A CG1 1 
ATOM   352 C CG2 . VAL A 1 47 ? 8.925   -2.914  -0.892  1.00 7.23 ? 45 VAL A CG2 1 
ATOM   353 N N   . ASP A 1 48 ? 10.129  -6.134  -4.048  1.00 7.23 ? 46 ASP A N   1 
ATOM   354 C CA  . ASP A 1 48 ? 10.125  -7.332  -4.880  1.00 7.23 ? 46 ASP A CA  1 
ATOM   355 C C   . ASP A 1 48 ? 11.238  -8.303  -4.543  1.00 7.23 ? 46 ASP A C   1 
ATOM   356 O O   . ASP A 1 48 ? 11.096  -9.452  -4.950  1.00 7.23 ? 46 ASP A O   1 
ATOM   357 C CB  . ASP A 1 48 ? 10.096  -7.051  -6.370  1.00 7.23 ? 46 ASP A CB  1 
ATOM   358 C CG  . ASP A 1 48 ? 8.744   -6.673  -6.931  1.00 7.23 ? 46 ASP A CG  1 
ATOM   359 O OD1 . ASP A 1 48 ? 7.688   -7.066  -6.419  1.00 7.23 ? 46 ASP A OD1 1 
ATOM   360 O OD2 . ASP A 1 48 ? 8.760   -5.935  -7.939  1.00 7.23 ? 46 ASP A OD2 1 
ATOM   361 N N   . THR A 1 49 ? 12.297  -7.875  -3.899  1.00 7.23 ? 47 THR A N   1 
ATOM   362 C CA  . THR A 1 49 ? 13.445  -8.706  -3.544  1.00 7.23 ? 47 THR A CA  1 
ATOM   363 C C   . THR A 1 49 ? 13.236  -9.567  -2.305  1.00 7.23 ? 47 THR A C   1 
ATOM   364 O O   . THR A 1 49 ? 13.983  -10.551 -2.149  1.00 7.23 ? 47 THR A O   1 
ATOM   365 C CB  . THR A 1 49 ? 14.928  -8.150  -3.699  1.00 7.23 ? 47 THR A CB  1 
ATOM   366 O OG1 . THR A 1 49 ? 15.073  -6.704  -3.639  1.00 7.23 ? 47 THR A OG1 1 
ATOM   367 C CG2 . THR A 1 49 ? 15.662  -8.538  -5.007  1.00 7.23 ? 47 THR A CG2 1 
ATOM   368 N N   . LEU A 1 50 ? 12.302  -9.260  -1.445  1.00 7.23 ? 48 LEU A N   1 
ATOM   369 C CA  . LEU A 1 50 ? 11.972  -9.949  -0.208  1.00 7.23 ? 48 LEU A CA  1 
ATOM   370 C C   . LEU A 1 50 ? 11.057  -11.123 -0.503  1.00 7.23 ? 48 LEU A C   1 
ATOM   371 O O   . LEU A 1 50 ? 10.298  -10.949 -1.461  1.00 7.23 ? 48 LEU A O   1 
ATOM   372 C CB  . LEU A 1 50 ? 11.162  -9.015  0.712   1.00 7.23 ? 48 LEU A CB  1 
ATOM   373 C CG  . LEU A 1 50 ? 11.597  -7.588  0.963   1.00 7.23 ? 48 LEU A CG  1 
ATOM   374 C CD1 . LEU A 1 50 ? 10.547  -6.858  1.821   1.00 7.23 ? 48 LEU A CD1 1 
ATOM   375 C CD2 . LEU A 1 50 ? 12.991  -7.581  1.591   1.00 7.23 ? 48 LEU A CD2 1 
ATOM   376 N N   . PRO A 1 51 ? 11.102  -12.177 0.282   1.00 7.23 ? 49 PRO A N   1 
ATOM   377 C CA  . PRO A 1 51 ? 10.262  -13.346 0.058   1.00 7.23 ? 49 PRO A CA  1 
ATOM   378 C C   . PRO A 1 51 ? 8.766   -13.151 0.107   1.00 7.23 ? 49 PRO A C   1 
ATOM   379 O O   . PRO A 1 51 ? 8.366   -12.256 0.855   1.00 7.23 ? 49 PRO A O   1 
ATOM   380 C CB  . PRO A 1 51 ? 10.637  -14.231 1.279   1.00 7.23 ? 49 PRO A CB  1 
ATOM   381 C CG  . PRO A 1 51 ? 12.082  -13.839 1.460   1.00 7.23 ? 49 PRO A CG  1 
ATOM   382 C CD  . PRO A 1 51 ? 12.040  -12.325 1.399   1.00 7.23 ? 49 PRO A CD  1 
ATOM   383 N N   . GLN A 1 52 ? 7.979   -13.959 -0.587  1.00 7.23 ? 50 GLN A N   1 
ATOM   384 C CA  . GLN A 1 52 ? 6.503   -13.859 -0.558  1.00 7.23 ? 50 GLN A CA  1 
ATOM   385 C C   . GLN A 1 52 ? 6.019   -13.749 0.904   1.00 7.23 ? 50 GLN A C   1 
ATOM   386 O O   . GLN A 1 52 ? 5.176   -12.867 1.193   1.00 7.23 ? 50 GLN A O   1 
ATOM   387 C CB  . GLN A 1 52 ? 5.781   -14.977 -1.312  1.00 7.23 ? 50 GLN A CB  1 
ATOM   388 C CG  . GLN A 1 52 ? 4.293   -15.170 -1.125  1.00 7.23 ? 50 GLN A CG  1 
ATOM   389 C CD  . GLN A 1 52 ? 3.343   -15.331 -2.288  1.00 7.23 ? 50 GLN A CD  1 
ATOM   390 O OE1 . GLN A 1 52 ? 2.456   -14.501 -2.586  1.00 7.23 ? 50 GLN A OE1 1 
ATOM   391 N NE2 . GLN A 1 52 ? 3.461   -16.446 -3.022  1.00 7.23 ? 50 GLN A NE2 1 
ATOM   392 N N   . GLU A 1 53 ? 6.544   -14.615 1.759   1.00 7.23 ? 51 GLU A N   1 
ATOM   393 C CA  . GLU A 1 53 ? 6.160   -14.606 3.163   1.00 7.23 ? 51 GLU A CA  1 
ATOM   394 C C   . GLU A 1 53 ? 6.651   -13.338 3.877   1.00 7.23 ? 51 GLU A C   1 
ATOM   395 O O   . GLU A 1 53 ? 5.872   -12.873 4.773   1.00 7.23 ? 51 GLU A O   1 
ATOM   396 C CB  . GLU A 1 53 ? 6.432   -15.818 4.018   1.00 7.23 ? 51 GLU A CB  1 
ATOM   397 C CG  . GLU A 1 53 ? 7.734   -16.202 4.715   1.00 7.23 ? 51 GLU A CG  1 
ATOM   398 C CD  . GLU A 1 53 ? 8.472   -17.413 4.194   1.00 7.23 ? 51 GLU A CD  1 
ATOM   399 O OE1 . GLU A 1 53 ? 7.945   -18.464 4.654   1.00 7.23 ? 51 GLU A OE1 1 
ATOM   400 O OE2 . GLU A 1 53 ? 9.447   -17.337 3.429   1.00 7.23 ? 51 GLU A OE2 1 
ATOM   401 N N   . THR A 1 54 ? 7.831   -12.839 3.535   1.00 7.23 ? 52 THR A N   1 
ATOM   402 C CA  . THR A 1 54 ? 8.267   -11.609 4.226   1.00 7.23 ? 52 THR A CA  1 
ATOM   403 C C   . THR A 1 54 ? 7.189   -10.567 3.819   1.00 7.23 ? 52 THR A C   1 
ATOM   404 O O   . THR A 1 54 ? 6.496   -10.021 4.703   1.00 7.23 ? 52 THR A O   1 
ATOM   405 C CB  . THR A 1 54 ? 9.701   -10.971 4.007   1.00 7.23 ? 52 THR A CB  1 
ATOM   406 O OG1 . THR A 1 54 ? 10.832  -11.869 4.385   1.00 7.23 ? 52 THR A OG1 1 
ATOM   407 C CG2 . THR A 1 54 ? 9.954   -9.613  4.712   1.00 7.23 ? 52 THR A CG2 1 
ATOM   408 N N   . ARG A 1 55 ? 7.072   -10.364 2.519   1.00 7.23 ? 53 ARG A N   1 
ATOM   409 C CA  . ARG A 1 55 ? 6.154   -9.375  1.980   1.00 7.23 ? 53 ARG A CA  1 
ATOM   410 C C   . ARG A 1 55 ? 4.737   -9.570  2.479   1.00 7.23 ? 53 ARG A C   1 
ATOM   411 O O   . ARG A 1 55 ? 4.123   -8.507  2.604   1.00 7.23 ? 53 ARG A O   1 
ATOM   412 C CB  . ARG A 1 55 ? 6.103   -9.160  0.469   1.00 7.23 ? 53 ARG A CB  1 
ATOM   413 C CG  . ARG A 1 55 ? 7.397   -9.367  -0.272  1.00 7.23 ? 53 ARG A CG  1 
ATOM   414 C CD  . ARG A 1 55 ? 7.428   -8.924  -1.677  1.00 7.23 ? 53 ARG A CD  1 
ATOM   415 N NE  . ARG A 1 55 ? 6.782   -9.702  -2.692  1.00 7.23 ? 53 ARG A NE  1 
ATOM   416 C CZ  . ARG A 1 55 ? 7.052   -10.857 -3.281  1.00 7.23 ? 53 ARG A CZ  1 
ATOM   417 N NH1 . ARG A 1 55 ? 8.157   -11.551 -2.977  1.00 7.23 ? 53 ARG A NH1 1 
ATOM   418 N NH2 . ARG A 1 55 ? 6.201   -11.337 -4.196  1.00 7.23 ? 53 ARG A NH2 1 
ATOM   419 N N   . ILE A 1 56 ? 4.298   -10.791 2.658   1.00 7.23 ? 54 ILE A N   1 
ATOM   420 C CA  . ILE A 1 56 ? 2.934   -11.031 3.121   1.00 7.23 ? 54 ILE A CA  1 
ATOM   421 C C   . ILE A 1 56 ? 2.728   -10.434 4.517   1.00 7.23 ? 54 ILE A C   1 
ATOM   422 O O   . ILE A 1 56 ? 1.702   -9.816  4.818   1.00 7.23 ? 54 ILE A O   1 
ATOM   423 C CB  . ILE A 1 56 ? 2.595   -12.568 3.102   1.00 7.23 ? 54 ILE A CB  1 
ATOM   424 C CG1 . ILE A 1 56 ? 2.432   -13.049 1.578   1.00 7.23 ? 54 ILE A CG1 1 
ATOM   425 C CG2 . ILE A 1 56 ? 1.343   -12.923 4.039   1.00 7.23 ? 54 ILE A CG2 1 
ATOM   426 C CD1 . ILE A 1 56 ? 1.545   -14.368 1.586   1.00 7.23 ? 54 ILE A CD1 1 
ATOM   427 N N   . ASN A 1 57 ? 3.714   -10.677 5.354   1.00 7.23 ? 55 ASN A N   1 
ATOM   428 C CA  . ASN A 1 57 ? 3.696   -10.180 6.745   1.00 7.23 ? 55 ASN A CA  1 
ATOM   429 C C   . ASN A 1 57 ? 3.613   -8.643  6.762   1.00 7.23 ? 55 ASN A C   1 
ATOM   430 O O   . ASN A 1 57 ? 3.050   -8.048  7.701   1.00 7.23 ? 55 ASN A O   1 
ATOM   431 C CB  . ASN A 1 57 ? 4.857   -10.783 7.510   1.00 7.23 ? 55 ASN A CB  1 
ATOM   432 C CG  . ASN A 1 57 ? 4.612   -12.139 8.154   1.00 7.23 ? 55 ASN A CG  1 
ATOM   433 O OD1 . ASN A 1 57 ? 5.350   -12.431 9.131   1.00 7.23 ? 55 ASN A OD1 1 
ATOM   434 N ND2 . ASN A 1 57 ? 3.652   -12.905 7.657   1.00 7.23 ? 55 ASN A ND2 1 
ATOM   435 N N   . ILE A 1 58 ? 4.218   -8.032  5.742   1.00 7.23 ? 56 ILE A N   1 
ATOM   436 C CA  . ILE A 1 58 ? 4.227   -6.557  5.676   1.00 7.23 ? 56 ILE A CA  1 
ATOM   437 C C   . ILE A 1 58 ? 2.788   -6.145  5.442   1.00 7.23 ? 56 ILE A C   1 
ATOM   438 O O   . ILE A 1 58 ? 2.447   -5.057  5.926   1.00 7.23 ? 56 ILE A O   1 
ATOM   439 C CB  . ILE A 1 58 ? 5.458   -5.974  4.909   1.00 7.23 ? 56 ILE A CB  1 
ATOM   440 C CG1 . ILE A 1 58 ? 6.788   -6.553  5.493   1.00 7.23 ? 56 ILE A CG1 1 
ATOM   441 C CG2 . ILE A 1 58 ? 5.488   -4.407  4.839   1.00 7.23 ? 56 ILE A CG2 1 
ATOM   442 C CD1 . ILE A 1 58 ? 8.078   -6.161  4.633   1.00 7.23 ? 56 ILE A CD1 1 
ATOM   443 N N   . VAL A 1 59 ? 2.038   -6.983  4.772   1.00 7.23 ? 57 VAL A N   1 
ATOM   444 C CA  . VAL A 1 59 ? 0.605   -6.740  4.526   1.00 7.23 ? 57 VAL A CA  1 
ATOM   445 C C   . VAL A 1 59 ? -0.090  -6.938  5.892   1.00 7.23 ? 57 VAL A C   1 
ATOM   446 O O   . VAL A 1 59 ? -0.821  -6.066  6.412   1.00 7.23 ? 57 VAL A O   1 
ATOM   447 C CB  . VAL A 1 59 ? 0.142   -7.555  3.320   1.00 7.23 ? 57 VAL A CB  1 
ATOM   448 C CG1 . VAL A 1 59 ? -0.707  -8.809  3.509   1.00 7.23 ? 57 VAL A CG1 1 
ATOM   449 C CG2 . VAL A 1 59 ? -0.551  -6.628  2.294   1.00 7.23 ? 57 VAL A CG2 1 
ATOM   450 N N   . LYS A 1 60 ? 0.172   -8.073  6.541   1.00 7.23 ? 58 LYS A N   1 
ATOM   451 C CA  . LYS A 1 60 ? -0.474  -8.343  7.848   1.00 7.23 ? 58 LYS A CA  1 
ATOM   452 C C   . LYS A 1 60 ? -0.036  -7.216  8.765   1.00 7.23 ? 58 LYS A C   1 
ATOM   453 O O   . LYS A 1 60 ? -0.933  -6.708  9.445   1.00 7.23 ? 58 LYS A O   1 
ATOM   454 C CB  . LYS A 1 60 ? -0.554  -9.781  8.516   1.00 7.23 ? 58 LYS A CB  1 
ATOM   455 C CG  . LYS A 1 60 ? -1.593  -10.611 7.686   1.00 7.23 ? 58 LYS A CG  1 
ATOM   456 C CD  . LYS A 1 60 ? -1.605  -12.107 8.056   1.00 7.23 ? 58 LYS A CD  1 
ATOM   457 C CE  . LYS A 1 60 ? -1.247  -13.095 6.918   1.00 7.23 ? 58 LYS A CE  1 
ATOM   458 N NZ  . LYS A 1 60 ? -1.937  -14.399 7.180   1.00 7.23 ? 58 LYS A NZ  1 
ATOM   459 N N   . LEU A 1 61 ? 1.217   -6.835  8.718   1.00 7.23 ? 59 LEU A N   1 
ATOM   460 C CA  . LEU A 1 61 ? 1.671   -5.762  9.612   1.00 7.23 ? 59 LEU A CA  1 
ATOM   461 C C   . LEU A 1 61 ? 0.752   -4.556  9.507   1.00 7.23 ? 59 LEU A C   1 
ATOM   462 O O   . LEU A 1 61 ? 0.277   -4.174  10.600  1.00 7.23 ? 59 LEU A O   1 
ATOM   463 C CB  . LEU A 1 61 ? 3.186   -5.552  9.506   1.00 7.23 ? 59 LEU A CB  1 
ATOM   464 C CG  . LEU A 1 61 ? 3.797   -4.590  10.531  1.00 7.23 ? 59 LEU A CG  1 
ATOM   465 C CD1 . LEU A 1 61 ? 3.244   -4.748  11.959  1.00 7.23 ? 59 LEU A CD1 1 
ATOM   466 C CD2 . LEU A 1 61 ? 5.310   -4.818  10.461  1.00 7.23 ? 59 LEU A CD2 1 
ATOM   467 N N   . THR A 1 62 ? 0.539   -4.054  8.304   1.00 7.23 ? 60 THR A N   1 
ATOM   468 C CA  . THR A 1 62 ? -0.354  -2.895  8.168   1.00 7.23 ? 60 THR A CA  1 
ATOM   469 C C   . THR A 1 62 ? -1.763  -3.082  8.736   1.00 7.23 ? 60 THR A C   1 
ATOM   470 O O   . THR A 1 62 ? -2.353  -2.151  9.300   1.00 7.23 ? 60 THR A O   1 
ATOM   471 C CB  . THR A 1 62 ? -0.463  -2.374  6.670   1.00 7.23 ? 60 THR A CB  1 
ATOM   472 O OG1 . THR A 1 62 ? 0.958   -2.374  6.190   1.00 7.23 ? 60 THR A OG1 1 
ATOM   473 C CG2 . THR A 1 62 ? -1.140  -0.971  6.650   1.00 7.23 ? 60 THR A CG2 1 
ATOM   474 N N   . GLU A 1 63 ? -2.248  -4.293  8.519   1.00 7.23 ? 61 GLU A N   1 
ATOM   475 C CA  . GLU A 1 63 ? -3.584  -4.662  8.968   1.00 7.23 ? 61 GLU A CA  1 
ATOM   476 C C   . GLU A 1 63 ? -3.622  -4.712  10.483  1.00 7.23 ? 61 GLU A C   1 
ATOM   477 O O   . GLU A 1 63 ? -4.759  -4.853  10.985  1.00 7.23 ? 61 GLU A O   1 
ATOM   478 C CB  . GLU A 1 63 ? -4.241  -5.894  8.383   1.00 7.23 ? 61 GLU A CB  1 
ATOM   479 C CG  . GLU A 1 63 ? -4.600  -5.922  6.921   1.00 7.23 ? 61 GLU A CG  1 
ATOM   480 C CD  . GLU A 1 63 ? -5.672  -5.117  6.247   1.00 7.23 ? 61 GLU A CD  1 
ATOM   481 O OE1 . GLU A 1 63 ? -6.530  -4.411  6.784   1.00 7.23 ? 61 GLU A OE1 1 
ATOM   482 O OE2 . GLU A 1 63 ? -5.587  -5.282  4.980   1.00 7.23 ? 61 GLU A OE2 1 
ATOM   483 N N   . LYS A 1 64 ? -2.485  -4.659  11.130  1.00 7.23 ? 62 LYS A N   1 
ATOM   484 C CA  . LYS A 1 64 ? -2.482  -4.726  12.609  1.00 7.23 ? 62 LYS A CA  1 
ATOM   485 C C   . LYS A 1 64 ? -2.671  -3.363  13.255  1.00 7.23 ? 62 LYS A C   1 
ATOM   486 O O   . LYS A 1 64 ? -3.233  -3.220  14.375  1.00 7.23 ? 62 LYS A O   1 
ATOM   487 C CB  . LYS A 1 64 ? -1.365  -5.576  13.187  1.00 7.23 ? 62 LYS A CB  1 
ATOM   488 C CG  . LYS A 1 64 ? -1.924  -6.923  13.682  1.00 7.23 ? 62 LYS A CG  1 
ATOM   489 C CD  . LYS A 1 64 ? -2.809  -7.699  12.719  1.00 7.23 ? 62 LYS A CD  1 
ATOM   490 C CE  . LYS A 1 64 ? -2.899  -9.170  13.118  1.00 7.23 ? 62 LYS A CE  1 
ATOM   491 N NZ  . LYS A 1 64 ? -3.387  -9.483  14.509  1.00 7.23 ? 62 LYS A NZ  1 
ATOM   492 N N   . ILE A 1 65 ? -2.174  -2.368  12.535  1.00 7.23 ? 63 ILE A N   1 
ATOM   493 C CA  . ILE A 1 65 ? -2.210  -0.947  12.919  1.00 7.23 ? 63 ILE A CA  1 
ATOM   494 C C   . ILE A 1 65 ? -3.593  -0.375  12.652  1.00 7.23 ? 63 ILE A C   1 
ATOM   495 O O   . ILE A 1 65 ? -4.275  0.254   13.444  1.00 7.23 ? 63 ILE A O   1 
ATOM   496 C CB  . ILE A 1 65 ? -1.207  -0.238  11.919  1.00 7.23 ? 63 ILE A CB  1 
ATOM   497 C CG1 . ILE A 1 65 ? 0.136   -0.982  12.001  1.00 7.23 ? 63 ILE A CG1 1 
ATOM   498 C CG2 . ILE A 1 65 ? -1.164  1.290   12.096  1.00 7.23 ? 63 ILE A CG2 1 
ATOM   499 C CD1 . ILE A 1 65 ? 0.857   -1.280  10.644  1.00 7.23 ? 63 ILE A CD1 1 
ATOM   500 N N   . LEU A 1 66 ? -3.982  -0.643  11.425  1.00 7.23 ? 64 LEU A N   1 
ATOM   501 C CA  . LEU A 1 66 ? -5.197  -0.252  10.750  1.00 7.23 ? 64 LEU A CA  1 
ATOM   502 C C   . LEU A 1 66 ? -6.522  -0.668  11.378  1.00 7.23 ? 64 LEU A C   1 
ATOM   503 O O   . LEU A 1 66 ? -7.610  -0.149  11.020  1.00 7.23 ? 64 LEU A O   1 
ATOM   504 C CB  . LEU A 1 66 ? -4.960  -0.753  9.312   1.00 7.23 ? 64 LEU A CB  1 
ATOM   505 C CG  . LEU A 1 66 ? -4.223  -0.060  8.160   1.00 7.23 ? 64 LEU A CG  1 
ATOM   506 C CD1 . LEU A 1 66 ? -5.112  -0.020  6.861   1.00 7.23 ? 64 LEU A CD1 1 
ATOM   507 C CD2 . LEU A 1 66 ? -3.668  1.325   8.548   1.00 7.23 ? 64 LEU A CD2 1 
ATOM   508 N N   . THR A 1 67 ? -6.413  -1.633  12.285  1.00 7.23 ? 65 THR A N   1 
ATOM   509 C CA  . THR A 1 67 ? -7.624  -2.166  12.954  1.00 7.23 ? 65 THR A CA  1 
ATOM   510 C C   . THR A 1 67 ? -7.600  -2.389  14.455  1.00 7.23 ? 65 THR A C   1 
ATOM   511 O O   . THR A 1 67 ? -8.214  -3.293  15.043  1.00 7.23 ? 65 THR A O   1 
ATOM   512 C CB  . THR A 1 67 ? -8.186  -3.274  11.990  1.00 7.23 ? 65 THR A CB  1 
ATOM   513 O OG1 . THR A 1 67 ? -7.065  -3.621  11.095  1.00 7.23 ? 65 THR A OG1 1 
ATOM   514 C CG2 . THR A 1 67 ? -9.364  -2.702  11.176  1.00 7.23 ? 65 THR A CG2 1 
ATOM   515 N N   . SER A 1 68 ? -6.896  -1.481  15.116  1.00 7.23 ? 66 SER A N   1 
ATOM   516 C CA  . SER A 1 68 ? -6.745  -1.423  16.572  1.00 7.23 ? 66 SER A CA  1 
ATOM   517 C C   . SER A 1 68 ? -7.364  -0.091  17.007  1.00 7.23 ? 66 SER A C   1 
ATOM   518 O O   . SER A 1 68 ? -7.430  0.933   16.300  1.00 7.23 ? 66 SER A O   1 
ATOM   519 C CB  . SER A 1 68 ? -5.290  -1.644  16.903  1.00 7.23 ? 66 SER A CB  1 
ATOM   520 O OG  . SER A 1 68 ? -4.486  -0.746  16.151  1.00 7.23 ? 66 SER A OG  1 
ATOM   521 N N   . PRO A 1 69 ? -7.849  -0.107  18.247  1.00 7.23 ? 67 PRO A N   1 
ATOM   522 C CA  . PRO A 1 69 ? -8.516  1.027   18.897  1.00 7.23 ? 67 PRO A CA  1 
ATOM   523 C C   . PRO A 1 69 ? -7.729  2.325   18.842  1.00 7.23 ? 67 PRO A C   1 
ATOM   524 O O   . PRO A 1 69 ? -8.160  3.421   19.304  1.00 7.23 ? 67 PRO A O   1 
ATOM   525 C CB  . PRO A 1 69 ? -8.994  0.434   20.231  1.00 7.23 ? 67 PRO A CB  1 
ATOM   526 C CG  . PRO A 1 69 ? -9.258  -1.001  19.836  1.00 7.23 ? 67 PRO A CG  1 
ATOM   527 C CD  . PRO A 1 69 ? -7.870  -1.250  19.195  1.00 7.23 ? 67 PRO A CD  1 
ATOM   528 N N   . LEU A 1 70 ? -6.545  2.217   18.250  1.00 7.23 ? 68 LEU A N   1 
ATOM   529 C CA  . LEU A 1 70 ? -5.619  3.348   18.076  1.00 7.23 ? 68 LEU A CA  1 
ATOM   530 C C   . LEU A 1 70 ? -6.085  4.037   16.792  1.00 7.23 ? 68 LEU A C   1 
ATOM   531 O O   . LEU A 1 70 ? -6.462  5.206   16.865  1.00 7.23 ? 68 LEU A O   1 
ATOM   532 C CB  . LEU A 1 70 ? -4.181  2.866   18.087  1.00 7.23 ? 68 LEU A CB  1 
ATOM   533 C CG  . LEU A 1 70 ? -3.442  2.485   19.354  1.00 7.23 ? 68 LEU A CG  1 
ATOM   534 C CD1 . LEU A 1 70 ? -2.741  3.683   20.044  1.00 7.23 ? 68 LEU A CD1 1 
ATOM   535 C CD2 . LEU A 1 70 ? -4.382  1.798   20.371  1.00 7.23 ? 68 LEU A CD2 1 
ATOM   536 N N   . CYS A 1 71 ? -6.064  3.269   15.717  1.00 7.23 ? 69 CYS A N   1 
ATOM   537 C CA  . CYS A 1 71 ? -6.480  3.795   14.409  1.00 7.23 ? 69 CYS A CA  1 
ATOM   538 C C   . CYS A 1 71 ? -7.956  4.061   14.141  1.00 7.23 ? 69 CYS A C   1 
ATOM   539 O O   . CYS A 1 71 ? -8.311  5.203   13.728  1.00 7.23 ? 69 CYS A O   1 
ATOM   540 C CB  . CYS A 1 71 ? -5.709  2.966   13.377  1.00 7.23 ? 69 CYS A CB  1 
ATOM   541 S SG  . CYS A 1 71 ? -4.200  3.941   13.348  1.00 7.23 ? 69 CYS A SG  1 
ATOM   542 N N   . GLU A 1 72 ? -8.767  3.045   14.366  1.00 7.23 ? 70 GLU A N   1 
ATOM   543 C CA  . GLU A 1 72 ? -10.218 3.223   14.172  1.00 7.23 ? 70 GLU A CA  1 
ATOM   544 C C   . GLU A 1 72 ? -10.764 3.866   15.463  1.00 7.23 ? 70 GLU A C   1 
ATOM   545 O O   . GLU A 1 72 ? -11.333 3.333   16.426  1.00 7.23 ? 70 GLU A O   1 
ATOM   546 C CB  . GLU A 1 72 ? -10.888 1.933   13.775  1.00 7.23 ? 70 GLU A CB  1 
ATOM   547 C CG  . GLU A 1 72 ? -10.502 0.739   14.638  1.00 7.23 ? 70 GLU A CG  1 
ATOM   548 C CD  . GLU A 1 72 ? -11.144 0.430   15.948  1.00 7.23 ? 70 GLU A CD  1 
ATOM   549 O OE1 . GLU A 1 72 ? -12.325 0.642   16.253  1.00 7.23 ? 70 GLU A OE1 1 
ATOM   550 O OE2 . GLU A 1 72 ? -10.266 -0.101  16.670  1.00 7.23 ? 70 GLU A OE2 1 
ATOM   551 N N   . GLN A 1 73 ? -10.546 5.187   15.467  1.00 7.23 ? 71 GLN A N   1 
ATOM   552 C CA  . GLN A 1 73 ? -10.894 6.168   16.486  1.00 7.23 ? 71 GLN A CA  1 
ATOM   553 C C   . GLN A 1 73 ? -12.372 6.570   16.462  1.00 7.23 ? 71 GLN A C   1 
ATOM   554 O O   . GLN A 1 73 ? -13.091 6.536   15.453  1.00 7.23 ? 71 GLN A O   1 
ATOM   555 C CB  . GLN A 1 73 ? -10.013 7.404   16.334  1.00 7.23 ? 71 GLN A CB  1 
ATOM   556 C CG  . GLN A 1 73 ? -8.511  7.227   16.181  1.00 7.23 ? 71 GLN A CG  1 
ATOM   557 C CD  . GLN A 1 73 ? -7.947  8.242   15.200  1.00 7.23 ? 71 GLN A CD  1 
ATOM   558 O OE1 . GLN A 1 73 ? -7.902  9.465   15.345  1.00 7.23 ? 71 GLN A OE1 1 
ATOM   559 N NE2 . GLN A 1 73 ? -7.504  7.673   14.074  1.00 7.23 ? 71 GLN A NE2 1 
ATOM   560 N N   . ASP A 1 74 ? -12.784 6.992   17.644  1.00 7.23 ? 72 ASP A N   1 
ATOM   561 C CA  . ASP A 1 74 ? -14.139 7.434   18.023  1.00 7.23 ? 72 ASP A CA  1 
ATOM   562 C C   . ASP A 1 74 ? -14.306 8.942   18.077  1.00 7.23 ? 72 ASP A C   1 
ATOM   563 O O   . ASP A 1 74 ? -14.096 9.525   19.175  1.00 7.23 ? 72 ASP A O   1 
ATOM   564 C CB  . ASP A 1 74 ? -14.232 6.731   19.400  1.00 7.23 ? 72 ASP A CB  1 
ATOM   565 C CG  . ASP A 1 74 ? -13.318 7.418   20.447  1.00 7.23 ? 72 ASP A CG  1 
ATOM   566 O OD1 . ASP A 1 74 ? -12.081 7.623   20.389  1.00 7.23 ? 72 ASP A OD1 1 
ATOM   567 O OD2 . ASP A 1 74 ? -14.038 7.905   21.389  1.00 7.23 ? 72 ASP A OD2 1 
ATOM   568 N N   . LEU A 1 75 ? -14.646 9.663   17.010  1.00 7.23 ? 73 LEU A N   1 
ATOM   569 C CA  . LEU A 1 75 ? -14.711 11.148  17.180  1.00 7.23 ? 73 LEU A CA  1 
ATOM   570 C C   . LEU A 1 75 ? -15.944 11.483  18.007  1.00 7.23 ? 73 LEU A C   1 
ATOM   571 O O   . LEU A 1 75 ? -15.980 11.760  19.205  1.00 7.23 ? 73 LEU A O   1 
ATOM   572 C CB  . LEU A 1 75 ? -14.478 11.919  15.888  1.00 7.23 ? 73 LEU A CB  1 
ATOM   573 C CG  . LEU A 1 75 ? -13.579 13.139  15.755  1.00 7.23 ? 73 LEU A CG  1 
ATOM   574 C CD1 . LEU A 1 75 ? -12.887 13.143  14.368  1.00 7.23 ? 73 LEU A CD1 1 
ATOM   575 C CD2 . LEU A 1 75 ? -14.377 14.434  15.967  1.00 7.23 ? 73 LEU A CD2 1 
ATOM   576 N N   . ARG A 1 76 ? -17.026 11.464  17.299  1.00 7.23 ? 74 ARG A N   1 
ATOM   577 C CA  . ARG A 1 76 ? -18.412 11.764  17.639  1.00 7.23 ? 74 ARG A CA  1 
ATOM   578 C C   . ARG A 1 76 ? -19.181 10.471  17.850  1.00 7.23 ? 74 ARG A C   1 
ATOM   579 O O   . ARG A 1 76 ? -19.975 10.209  18.774  1.00 7.23 ? 74 ARG A O   1 
ATOM   580 C CB  . ARG A 1 76 ? -18.874 12.671  16.468  1.00 7.23 ? 74 ARG A CB  1 
ATOM   581 C CG  . ARG A 1 76 ? -19.124 12.095  15.056  1.00 7.23 ? 74 ARG A CG  1 
ATOM   582 C CD  . ARG A 1 76 ? -20.426 11.395  15.045  1.00 7.23 ? 74 ARG A CD  1 
ATOM   583 N NE  . ARG A 1 76 ? -20.924 10.395  14.117  1.00 7.23 ? 74 ARG A NE  1 
ATOM   584 C CZ  . ARG A 1 76 ? -22.242 10.068  14.114  1.00 7.23 ? 74 ARG A CZ  1 
ATOM   585 N NH1 . ARG A 1 76 ? -23.043 10.529  15.097  1.00 7.23 ? 74 ARG A NH1 1 
ATOM   586 N NH2 . ARG A 1 76 ? -22.834 9.304   13.201  1.00 7.23 ? 74 ARG A NH2 1 
ATOM   587 N N   . VAL A 1 77 ? -18.965 9.520   16.975  1.00 7.23 ? 75 VAL A N   1 
ATOM   588 C CA  . VAL A 1 77 ? -19.412 8.180   16.725  1.00 7.23 ? 75 VAL A CA  1 
ATOM   589 C C   . VAL A 1 77 ? -18.877 8.052   15.252  1.00 7.23 ? 75 VAL A C   1 
ATOM   590 O O   . VAL A 1 77 ? -17.759 7.507   15.094  1.00 7.23 ? 75 VAL A O   1 
ATOM   591 C CB  . VAL A 1 77 ? -20.889 7.723   16.707  1.00 7.23 ? 75 VAL A CB  1 
ATOM   592 C CG1 . VAL A 1 77 ? -21.008 6.303   16.096  1.00 7.23 ? 75 VAL A CG1 1 
ATOM   593 C CG2 . VAL A 1 77 ? -21.708 7.732   17.989  1.00 7.23 ? 75 VAL A CG2 1 
ATOM   594 O OXT . VAL A 1 77 ? -19.590 8.527   14.357  1.00 7.23 ? 75 VAL A OXT 1 
HETATM 595 S S   . SO4 B 2 .  ? -2.850  -10.664 17.343  0.50 7.23 ? 76 SO4 A S   1 
HETATM 596 O O1  . SO4 B 2 .  ? -3.280  -11.932 16.593  0.50 7.23 ? 76 SO4 A O1  1 
HETATM 597 O O2  . SO4 B 2 .  ? -1.845  -9.951  16.451  0.50 7.23 ? 76 SO4 A O2  1 
HETATM 598 O O3  . SO4 B 2 .  ? -2.273  -11.035 18.691  0.50 7.23 ? 76 SO4 A O3  1 
HETATM 599 O O4  . SO4 B 2 .  ? -4.089  -9.791  17.550  0.50 7.23 ? 76 SO4 A O4  1 
# 
